data_7PS4
#
_entry.id   7PS4
#
_cell.length_a   55.071
_cell.length_b   118.487
_cell.length_c   109.268
_cell.angle_alpha   90.000
_cell.angle_beta   93.466
_cell.angle_gamma   90.000
#
_symmetry.space_group_name_H-M   'P 1 21 1'
#
loop_
_entity.id
_entity.type
_entity.pdbx_description
1 polymer 'Spike protein S1'
2 polymer 'Beta-38 Fab heavy chain'
3 polymer 'Beta-38 Fab light chain'
4 branched 2-acetamido-2-deoxy-beta-D-glucopyranose-(1-4)-2-acetamido-2-deoxy-beta-D-glucopyranose
5 non-polymer 'CHLORIDE ION'
6 water water
#
loop_
_entity_poly.entity_id
_entity_poly.type
_entity_poly.pdbx_seq_one_letter_code
_entity_poly.pdbx_strand_id
1 'polypeptide(L)'
;MGCVAETGHHHHHHTNLCPFGEVFNATRFASVYAWNRKRISNCVADYSVLYNSASFSTFKCYGVSPTKLNDLCFTNVYAD
SFVIRGDEVRQIAPGQTGNIADYNYKLPDDFTGCVIAWNSNNLDSKVGGNYNYLYRLFRKSNLKPFERDISTEIYQAGST
PCNGVKGFNCYFPLQSYGFQPTYGVGYQPYRVVVLSFELLHAPATVCGKK
;
E,A
2 'polypeptide(L)'
;EVQLVQSGAEVKKPGESLKISCKGSGYSFTNYWIGWVRQMPGKGLEWMGIIYPGDSGTRYSPSFQGQVTISADKSIRTAY
LQWSSLKASDSAMYYCARSRVGATGGYYDYYMDVWGQGTTVTVSSASTKGPSVFPLAPSSKSTSGGTAALGCLVKDYFPE
PVTVSWNSGALTSGVHTFPAVLQSSGLYSLSSVVTVPSSSLGTQTYICNVNHKPSNTKVDKKVEPKSCDK
;
H,B
3 'polypeptide(L)'
;QSVLTQPPSASGTPGQRVTISCSGSSSNLGGNTVNWYQQLPGTAPKLLIYSNNQRPSGVPDRFSGSKSGTSASLAISGLQ
SEDEADYYCAAWDDSLNGPVFGTGTKVTVLGQPKANPTVTLFPPSSEELQANKATLVCLISDFYPGAVTVAWKADSSPVK
AGVETTTPSKQSNNKYAASSYLSLTPEQWKSHRSYSCQVTHEGSTVEKTVAPTECS
;
L,C
#
# COMPACT_ATOMS: atom_id res chain seq x y z
N THR A 15 30.84 -60.06 13.52
CA THR A 15 31.01 -58.62 13.69
C THR A 15 30.20 -57.86 12.65
N ASN A 16 29.06 -57.31 13.07
CA ASN A 16 28.17 -56.61 12.16
C ASN A 16 28.67 -55.19 11.90
N LEU A 17 28.57 -54.76 10.65
CA LEU A 17 29.06 -53.45 10.23
C LEU A 17 28.19 -52.33 10.81
N CYS A 18 28.82 -51.18 11.04
CA CYS A 18 28.10 -50.03 11.55
C CYS A 18 27.06 -49.55 10.55
N PRO A 19 25.79 -49.38 10.95
CA PRO A 19 24.75 -48.92 10.03
C PRO A 19 24.80 -47.43 9.81
N PHE A 20 25.93 -46.98 9.26
CA PHE A 20 26.08 -45.57 8.90
C PHE A 20 25.29 -45.22 7.67
N GLY A 21 24.93 -46.23 6.86
CA GLY A 21 24.16 -45.96 5.66
C GLY A 21 22.81 -45.36 5.96
N GLU A 22 22.11 -45.88 6.98
CA GLU A 22 20.81 -45.31 7.31
C GLU A 22 20.90 -43.84 7.68
N VAL A 23 22.04 -43.41 8.21
CA VAL A 23 22.18 -42.03 8.68
C VAL A 23 22.75 -41.13 7.59
N PHE A 24 23.88 -41.53 6.99
CA PHE A 24 24.48 -40.67 5.97
C PHE A 24 23.70 -40.70 4.66
N ASN A 25 23.11 -41.84 4.33
CA ASN A 25 22.40 -42.03 3.08
C ASN A 25 20.89 -42.01 3.25
N ALA A 26 20.41 -41.43 4.35
CA ALA A 26 18.97 -41.27 4.51
C ALA A 26 18.44 -40.45 3.34
N THR A 27 17.27 -40.84 2.84
CA THR A 27 16.72 -40.13 1.69
C THR A 27 16.30 -38.72 2.06
N ARG A 28 15.83 -38.52 3.29
CA ARG A 28 15.51 -37.19 3.78
C ARG A 28 16.16 -36.97 5.14
N PHE A 29 16.56 -35.73 5.38
CA PHE A 29 17.16 -35.30 6.62
C PHE A 29 16.18 -34.44 7.40
N ALA A 30 16.44 -34.31 8.71
CA ALA A 30 15.57 -33.51 9.54
C ALA A 30 15.93 -32.03 9.39
N SER A 31 14.95 -31.18 9.70
CA SER A 31 15.27 -29.76 9.92
C SER A 31 16.13 -29.62 11.15
N VAL A 32 16.99 -28.60 11.14
CA VAL A 32 17.96 -28.47 12.23
C VAL A 32 17.27 -28.24 13.56
N TYR A 33 16.12 -27.55 13.57
CA TYR A 33 15.43 -27.32 14.85
C TYR A 33 14.86 -28.62 15.42
N ALA A 34 14.56 -29.60 14.57
CA ALA A 34 14.07 -30.90 15.01
C ALA A 34 15.08 -32.00 14.70
N TRP A 35 16.36 -31.69 14.93
CA TRP A 35 17.46 -32.53 14.51
C TRP A 35 17.30 -33.97 15.00
N ASN A 36 17.70 -34.92 14.15
CA ASN A 36 17.59 -36.35 14.43
C ASN A 36 18.80 -36.87 15.21
N ARG A 37 18.54 -37.83 16.09
CA ARG A 37 19.61 -38.51 16.81
C ARG A 37 19.48 -40.01 16.61
N LYS A 38 20.57 -40.65 16.22
CA LYS A 38 20.62 -42.11 16.10
C LYS A 38 21.70 -42.65 17.02
N ARG A 39 21.36 -43.64 17.83
CA ARG A 39 22.33 -44.27 18.72
C ARG A 39 23.04 -45.38 17.98
N ILE A 40 24.37 -45.31 17.94
CA ILE A 40 25.20 -46.28 17.22
C ILE A 40 26.09 -46.99 18.22
N SER A 41 26.02 -48.32 18.22
CA SER A 41 26.78 -49.18 19.11
C SER A 41 27.06 -50.51 18.41
N ASN A 42 27.28 -51.58 19.18
CA ASN A 42 27.46 -52.91 18.62
C ASN A 42 28.63 -53.02 17.64
N CYS A 43 28.43 -52.47 16.46
CA CYS A 43 29.22 -52.60 15.24
C CYS A 43 30.69 -52.19 15.28
N VAL A 44 31.37 -52.34 14.12
CA VAL A 44 32.78 -52.01 13.95
C VAL A 44 33.13 -51.63 12.50
N ALA A 45 32.92 -50.36 12.13
CA ALA A 45 33.18 -49.83 10.79
C ALA A 45 34.44 -48.95 10.78
N ASP A 46 34.84 -48.54 9.58
CA ASP A 46 36.08 -47.82 9.36
C ASP A 46 35.85 -46.40 8.85
N TYR A 47 36.53 -45.46 9.49
CA TYR A 47 36.42 -44.04 9.17
C TYR A 47 37.42 -43.58 8.12
N SER A 48 38.43 -44.39 7.77
CA SER A 48 39.40 -44.00 6.76
C SER A 48 38.73 -43.66 5.43
N VAL A 49 37.87 -44.54 4.94
CA VAL A 49 37.17 -44.28 3.69
C VAL A 49 36.31 -43.03 3.82
N LEU A 50 35.65 -42.85 4.97
CA LEU A 50 34.87 -41.64 5.18
C LEU A 50 35.78 -40.42 5.15
N TYR A 51 36.88 -40.46 5.92
CA TYR A 51 37.82 -39.35 5.89
C TYR A 51 38.51 -39.23 4.54
N ASN A 52 38.80 -40.35 3.89
CA ASN A 52 39.37 -40.27 2.55
C ASN A 52 38.31 -40.10 1.47
N SER A 53 37.05 -39.87 1.86
CA SER A 53 36.02 -39.66 0.86
C SER A 53 36.15 -38.26 0.29
N ALA A 54 35.95 -38.14 -1.01
CA ALA A 54 36.01 -36.85 -1.70
C ALA A 54 34.69 -36.11 -1.66
N SER A 55 33.70 -36.64 -0.94
CA SER A 55 32.37 -36.06 -0.93
C SER A 55 32.13 -35.12 0.25
N PHE A 56 32.74 -35.39 1.39
CA PHE A 56 32.54 -34.56 2.59
C PHE A 56 33.41 -33.31 2.50
N SER A 57 32.79 -32.13 2.42
CA SER A 57 33.55 -30.89 2.38
C SER A 57 34.01 -30.43 3.75
N THR A 58 33.37 -30.90 4.82
CA THR A 58 33.81 -30.64 6.19
C THR A 58 33.96 -31.98 6.89
N PHE A 59 35.08 -32.15 7.59
CA PHE A 59 35.30 -33.37 8.38
C PHE A 59 36.22 -32.96 9.53
N LYS A 60 35.63 -32.49 10.63
CA LYS A 60 36.39 -31.91 11.74
C LYS A 60 36.09 -32.67 13.03
N CYS A 61 37.14 -33.12 13.70
CA CYS A 61 37.04 -33.91 14.90
C CYS A 61 37.66 -33.18 16.09
N TYR A 62 37.14 -33.48 17.28
CA TYR A 62 37.53 -32.79 18.51
C TYR A 62 37.78 -33.83 19.59
N GLY A 63 38.96 -33.76 20.20
CA GLY A 63 39.39 -34.73 21.19
C GLY A 63 39.83 -36.05 20.61
N VAL A 64 39.83 -36.18 19.28
CA VAL A 64 40.12 -37.44 18.61
C VAL A 64 40.63 -37.11 17.22
N SER A 65 41.49 -37.98 16.67
CA SER A 65 42.03 -37.72 15.34
C SER A 65 41.28 -38.53 14.28
N PRO A 66 40.89 -37.89 13.17
CA PRO A 66 40.13 -38.61 12.14
C PRO A 66 40.89 -39.76 11.51
N THR A 67 42.17 -39.57 11.21
CA THR A 67 42.94 -40.61 10.56
C THR A 67 43.15 -41.81 11.47
N LYS A 68 43.38 -41.55 12.76
CA LYS A 68 43.62 -42.60 13.74
C LYS A 68 42.32 -43.14 14.35
N LEU A 69 41.18 -42.88 13.70
CA LEU A 69 39.90 -43.37 14.20
C LEU A 69 39.79 -44.89 14.12
N ASN A 70 40.43 -45.50 13.12
CA ASN A 70 40.41 -46.96 12.98
C ASN A 70 41.06 -47.66 14.16
N ASP A 71 41.86 -46.96 14.95
CA ASP A 71 42.59 -47.57 16.05
C ASP A 71 41.85 -47.51 17.37
N LEU A 72 40.79 -46.72 17.46
CA LEU A 72 40.17 -46.43 18.73
C LEU A 72 38.87 -47.21 18.90
N CYS A 73 38.51 -47.49 20.15
CA CYS A 73 37.27 -48.16 20.49
C CYS A 73 36.50 -47.33 21.51
N PHE A 74 35.18 -47.18 21.30
CA PHE A 74 34.33 -46.41 22.19
C PHE A 74 33.12 -47.24 22.63
N THR A 75 32.50 -46.79 23.72
CA THR A 75 31.33 -47.47 24.28
C THR A 75 30.06 -47.19 23.47
N ASN A 76 29.84 -45.93 23.10
CA ASN A 76 28.64 -45.55 22.36
C ASN A 76 28.99 -44.49 21.32
N VAL A 77 28.15 -44.38 20.31
CA VAL A 77 28.24 -43.33 19.31
C VAL A 77 26.84 -42.77 19.04
N TYR A 78 26.70 -41.46 19.14
CA TYR A 78 25.47 -40.79 18.75
C TYR A 78 25.67 -40.16 17.38
N ALA A 79 24.71 -40.37 16.49
CA ALA A 79 24.70 -39.80 15.15
C ALA A 79 23.57 -38.80 15.06
N ASP A 80 23.91 -37.52 15.06
CA ASP A 80 22.95 -36.45 14.86
C ASP A 80 23.04 -35.95 13.42
N SER A 81 21.88 -35.70 12.81
CA SER A 81 21.84 -35.31 11.40
C SER A 81 20.75 -34.27 11.17
N PHE A 82 21.01 -33.35 10.24
CA PHE A 82 20.11 -32.24 9.95
C PHE A 82 20.68 -31.48 8.74
N VAL A 83 19.92 -30.48 8.28
CA VAL A 83 20.28 -29.63 7.15
C VAL A 83 20.36 -28.18 7.63
N ILE A 84 21.43 -27.49 7.25
CA ILE A 84 21.60 -26.06 7.46
C ILE A 84 22.14 -25.46 6.17
N ARG A 85 22.29 -24.15 6.15
CA ARG A 85 22.91 -23.54 4.98
C ARG A 85 24.43 -23.54 5.13
N GLY A 86 25.11 -23.39 3.99
CA GLY A 86 26.54 -23.60 3.97
C GLY A 86 27.31 -22.73 4.94
N ASP A 87 26.96 -21.45 5.01
CA ASP A 87 27.73 -20.55 5.87
C ASP A 87 27.43 -20.73 7.34
N GLU A 88 26.57 -21.68 7.71
CA GLU A 88 26.31 -21.99 9.10
C GLU A 88 27.06 -23.22 9.60
N VAL A 89 27.75 -23.96 8.71
CA VAL A 89 28.48 -25.15 9.14
C VAL A 89 29.51 -24.81 10.20
N ARG A 90 30.13 -23.62 10.11
CA ARG A 90 31.10 -23.22 11.12
C ARG A 90 30.52 -23.13 12.53
N GLN A 91 29.19 -22.98 12.65
CA GLN A 91 28.57 -22.92 13.97
C GLN A 91 28.40 -24.29 14.61
N ILE A 92 28.55 -25.36 13.84
CA ILE A 92 28.44 -26.71 14.39
C ILE A 92 29.83 -27.07 14.91
N ALA A 93 30.20 -26.48 16.04
CA ALA A 93 31.51 -26.67 16.66
C ALA A 93 31.47 -26.14 18.09
N PRO A 94 32.28 -26.68 19.00
CA PRO A 94 32.27 -26.16 20.37
C PRO A 94 32.61 -24.68 20.41
N GLY A 95 31.96 -23.97 21.33
CA GLY A 95 32.26 -22.57 21.55
C GLY A 95 31.70 -21.57 20.56
N GLN A 96 30.80 -21.96 19.67
CA GLN A 96 30.24 -21.06 18.68
C GLN A 96 28.92 -20.46 19.16
N THR A 97 28.63 -19.26 18.68
CA THR A 97 27.34 -18.61 18.87
C THR A 97 26.82 -18.15 17.51
N GLY A 98 25.55 -17.79 17.47
CA GLY A 98 24.85 -17.57 16.21
C GLY A 98 23.51 -18.26 16.22
N ASN A 99 22.74 -18.00 15.17
CA ASN A 99 21.36 -18.47 15.10
CA ASN A 99 21.35 -18.47 15.17
C ASN A 99 21.26 -19.98 15.32
N ILE A 100 22.19 -20.73 14.73
CA ILE A 100 22.08 -22.18 14.81
C ILE A 100 22.58 -22.67 16.16
N ALA A 101 23.77 -22.24 16.57
CA ALA A 101 24.30 -22.69 17.85
C ALA A 101 23.43 -22.21 19.01
N ASP A 102 22.90 -20.98 18.94
CA ASP A 102 22.11 -20.45 20.04
C ASP A 102 20.75 -21.13 20.15
N TYR A 103 20.08 -21.34 19.02
CA TYR A 103 18.66 -21.63 19.03
C TYR A 103 18.29 -22.96 18.41
N ASN A 104 19.25 -23.70 17.81
CA ASN A 104 18.87 -24.90 17.07
C ASN A 104 19.64 -26.15 17.50
N TYR A 105 20.96 -26.08 17.51
CA TYR A 105 21.76 -27.26 17.82
C TYR A 105 23.07 -26.81 18.44
N LYS A 106 23.29 -27.18 19.70
CA LYS A 106 24.40 -26.66 20.49
C LYS A 106 25.29 -27.82 20.91
N LEU A 107 26.56 -27.74 20.55
CA LEU A 107 27.60 -28.66 20.98
C LEU A 107 28.24 -28.17 22.28
N PRO A 108 28.65 -29.10 23.15
CA PRO A 108 29.31 -28.69 24.40
C PRO A 108 30.76 -28.27 24.17
N ASP A 109 31.27 -27.53 25.14
CA ASP A 109 32.67 -27.10 25.07
C ASP A 109 33.62 -28.29 25.03
N ASP A 110 33.32 -29.34 25.80
CA ASP A 110 34.17 -30.52 25.87
C ASP A 110 33.74 -31.60 24.88
N PHE A 111 33.22 -31.19 23.73
CA PHE A 111 32.75 -32.14 22.74
C PHE A 111 33.87 -33.08 22.31
N THR A 112 33.57 -34.39 22.32
CA THR A 112 34.43 -35.42 21.76
C THR A 112 33.68 -36.06 20.61
N GLY A 113 34.16 -35.85 19.39
CA GLY A 113 33.47 -36.39 18.22
C GLY A 113 33.90 -35.68 16.94
N CYS A 114 33.12 -35.88 15.88
CA CYS A 114 33.43 -35.33 14.58
C CYS A 114 32.21 -34.69 13.95
N VAL A 115 32.45 -33.62 13.19
CA VAL A 115 31.41 -32.90 12.47
C VAL A 115 31.69 -33.07 10.98
N ILE A 116 30.73 -33.66 10.25
CA ILE A 116 30.89 -33.99 8.84
C ILE A 116 29.75 -33.33 8.08
N ALA A 117 30.08 -32.66 6.97
CA ALA A 117 29.06 -31.98 6.18
C ALA A 117 29.42 -32.05 4.71
N TRP A 118 28.38 -31.98 3.85
CA TRP A 118 28.57 -31.95 2.42
C TRP A 118 27.43 -31.17 1.78
N ASN A 119 27.74 -30.53 0.66
CA ASN A 119 26.74 -29.79 -0.10
C ASN A 119 25.66 -30.73 -0.62
N SER A 120 24.40 -30.40 -0.33
CA SER A 120 23.28 -31.23 -0.75
C SER A 120 22.34 -30.48 -1.72
N ASN A 121 22.90 -29.54 -2.49
CA ASN A 121 22.09 -28.74 -3.40
C ASN A 121 21.29 -29.61 -4.36
N ASN A 122 21.89 -30.70 -4.84
CA ASN A 122 21.23 -31.54 -5.84
C ASN A 122 20.01 -32.25 -5.28
N LEU A 123 19.98 -32.48 -3.97
CA LEU A 123 18.85 -33.18 -3.35
C LEU A 123 17.88 -32.25 -2.65
N ASP A 124 18.35 -31.15 -2.06
CA ASP A 124 17.54 -30.41 -1.11
C ASP A 124 17.08 -29.05 -1.61
N SER A 125 17.50 -28.62 -2.80
CA SER A 125 17.01 -27.38 -3.38
C SER A 125 16.05 -27.71 -4.52
N LYS A 126 15.07 -26.84 -4.72
CA LYS A 126 14.10 -26.98 -5.81
C LYS A 126 13.91 -25.65 -6.50
N VAL A 127 13.60 -25.70 -7.79
CA VAL A 127 13.27 -24.47 -8.50
C VAL A 127 12.04 -23.88 -7.86
N GLY A 128 12.08 -22.57 -7.58
CA GLY A 128 11.05 -21.94 -6.80
C GLY A 128 11.20 -22.12 -5.31
N GLY A 129 12.20 -22.89 -4.86
CA GLY A 129 12.50 -23.00 -3.46
C GLY A 129 12.00 -24.26 -2.79
N ASN A 130 12.86 -24.91 -2.01
CA ASN A 130 12.41 -25.97 -1.12
C ASN A 130 12.15 -25.32 0.24
N TYR A 131 10.91 -25.37 0.69
CA TYR A 131 10.50 -24.75 1.94
C TYR A 131 10.39 -25.74 3.08
N ASN A 132 10.78 -27.00 2.86
CA ASN A 132 10.58 -28.03 3.87
C ASN A 132 11.54 -27.90 5.05
N TYR A 133 12.69 -27.27 4.86
CA TYR A 133 13.71 -27.17 5.90
C TYR A 133 13.58 -25.84 6.63
N LEU A 134 13.51 -25.92 7.95
CA LEU A 134 13.28 -24.74 8.79
C LEU A 134 14.39 -24.64 9.82
N TYR A 135 14.53 -23.44 10.39
CA TYR A 135 15.40 -23.21 11.54
C TYR A 135 14.73 -22.20 12.46
N ARG A 136 15.10 -22.23 13.74
CA ARG A 136 14.56 -21.33 14.74
C ARG A 136 15.38 -20.04 14.79
N LEU A 137 14.70 -18.91 14.65
CA LEU A 137 15.38 -17.62 14.66
C LEU A 137 15.32 -16.91 16.02
N PHE A 138 14.32 -17.20 16.85
CA PHE A 138 14.12 -16.51 18.12
C PHE A 138 13.99 -17.51 19.26
N ARG A 139 14.51 -17.15 20.43
CA ARG A 139 14.27 -17.94 21.63
C ARG A 139 14.58 -17.10 22.86
N LYS A 140 13.84 -17.38 23.94
CA LYS A 140 14.00 -16.59 25.16
C LYS A 140 15.38 -16.74 25.79
N SER A 141 16.04 -17.88 25.56
CA SER A 141 17.38 -18.13 26.05
C SER A 141 18.08 -19.06 25.05
N ASN A 142 19.41 -19.19 25.20
CA ASN A 142 20.18 -20.09 24.34
C ASN A 142 19.99 -21.53 24.79
N LEU A 143 20.06 -22.45 23.83
CA LEU A 143 19.97 -23.86 24.15
C LEU A 143 21.18 -24.32 24.95
N LYS A 144 20.94 -25.26 25.87
CA LYS A 144 22.01 -26.03 26.48
C LYS A 144 22.49 -27.08 25.49
N PRO A 145 23.70 -27.61 25.67
CA PRO A 145 24.22 -28.60 24.72
C PRO A 145 23.25 -29.76 24.53
N PHE A 146 22.98 -30.09 23.27
CA PHE A 146 22.10 -31.19 22.88
C PHE A 146 20.65 -31.00 23.33
N GLU A 147 20.26 -29.77 23.70
CA GLU A 147 18.85 -29.49 23.96
C GLU A 147 18.10 -29.34 22.64
N ARG A 148 16.83 -29.72 22.65
CA ARG A 148 15.98 -29.61 21.46
C ARG A 148 14.72 -28.82 21.80
N ASP A 149 14.32 -27.95 20.89
CA ASP A 149 13.12 -27.14 21.04
C ASP A 149 12.33 -27.21 19.74
N ILE A 150 11.14 -27.82 19.80
CA ILE A 150 10.27 -27.87 18.62
C ILE A 150 9.00 -27.05 18.84
N SER A 151 9.00 -26.12 19.80
CA SER A 151 7.81 -25.33 20.09
C SER A 151 7.58 -24.31 18.98
N THR A 152 6.34 -23.83 18.90
CA THR A 152 5.95 -22.90 17.85
C THR A 152 5.14 -21.71 18.38
N GLU A 153 5.36 -21.32 19.62
CA GLU A 153 4.63 -20.16 20.15
C GLU A 153 5.15 -18.90 19.49
N ILE A 154 4.25 -17.95 19.23
CA ILE A 154 4.69 -16.66 18.73
C ILE A 154 5.69 -16.08 19.72
N TYR A 155 6.81 -15.59 19.22
CA TYR A 155 7.85 -15.04 20.09
C TYR A 155 7.52 -13.57 20.33
N GLN A 156 7.29 -13.22 21.58
CA GLN A 156 6.97 -11.84 21.95
C GLN A 156 8.28 -11.12 22.21
N ALA A 157 8.77 -10.38 21.21
CA ALA A 157 10.03 -9.68 21.41
C ALA A 157 9.81 -8.38 22.18
N GLY A 158 8.65 -7.74 21.99
CA GLY A 158 8.35 -6.48 22.61
C GLY A 158 7.46 -6.62 23.81
N SER A 159 6.78 -5.51 24.14
CA SER A 159 5.94 -5.43 25.32
C SER A 159 4.46 -5.67 25.00
N THR A 160 4.12 -5.89 23.72
CA THR A 160 2.72 -6.14 23.37
C THR A 160 2.44 -7.64 23.34
N PRO A 161 1.43 -8.13 24.07
CA PRO A 161 1.11 -9.55 24.00
C PRO A 161 0.69 -9.93 22.58
N CYS A 162 1.03 -11.14 22.19
CA CYS A 162 0.81 -11.57 20.80
C CYS A 162 -0.50 -12.29 20.63
N ASN A 163 -0.92 -13.05 21.64
CA ASN A 163 -2.17 -13.81 21.61
C ASN A 163 -2.27 -14.67 20.34
N GLY A 164 -1.14 -15.25 19.95
CA GLY A 164 -1.08 -16.21 18.86
C GLY A 164 -1.03 -15.63 17.47
N VAL A 165 -0.87 -14.32 17.33
CA VAL A 165 -0.89 -13.65 16.04
C VAL A 165 0.39 -12.84 15.88
N LYS A 166 0.89 -12.77 14.65
CA LYS A 166 2.09 -12.00 14.36
C LYS A 166 1.77 -10.51 14.25
N GLY A 167 2.80 -9.68 14.40
CA GLY A 167 2.59 -8.25 14.24
C GLY A 167 3.59 -7.37 14.95
N PHE A 168 3.11 -6.61 15.93
CA PHE A 168 3.92 -5.66 16.68
C PHE A 168 4.97 -6.37 17.53
N ASN A 169 6.16 -6.60 16.97
CA ASN A 169 7.25 -7.23 17.70
C ASN A 169 6.95 -8.67 18.06
N CYS A 170 6.06 -9.30 17.30
CA CYS A 170 5.56 -10.65 17.56
C CYS A 170 5.86 -11.51 16.33
N TYR A 171 6.82 -12.42 16.46
CA TYR A 171 7.36 -13.15 15.34
C TYR A 171 7.09 -14.65 15.48
N PHE A 172 6.68 -15.28 14.38
CA PHE A 172 6.69 -16.73 14.35
C PHE A 172 8.14 -17.19 14.46
N PRO A 173 8.44 -18.17 15.32
CA PRO A 173 9.86 -18.41 15.66
C PRO A 173 10.63 -19.20 14.62
N LEU A 174 9.97 -19.90 13.70
CA LEU A 174 10.65 -20.72 12.70
C LEU A 174 10.63 -20.03 11.35
N GLN A 175 11.75 -20.11 10.64
CA GLN A 175 11.85 -19.54 9.30
C GLN A 175 12.28 -20.64 8.35
N SER A 176 11.73 -20.63 7.15
CA SER A 176 12.11 -21.59 6.12
C SER A 176 13.36 -21.12 5.40
N TYR A 177 14.26 -22.06 5.13
CA TYR A 177 15.45 -21.72 4.35
C TYR A 177 15.11 -21.40 2.90
N GLY A 178 14.03 -21.99 2.38
CA GLY A 178 13.62 -21.71 1.01
C GLY A 178 14.71 -21.95 0.00
N PHE A 179 15.45 -23.06 0.14
CA PHE A 179 16.64 -23.35 -0.67
C PHE A 179 16.31 -23.33 -2.16
N GLN A 180 17.03 -22.51 -2.93
CA GLN A 180 16.92 -22.49 -4.39
C GLN A 180 18.26 -22.82 -5.03
N PRO A 181 18.27 -23.53 -6.17
CA PRO A 181 19.55 -23.94 -6.77
C PRO A 181 20.41 -22.77 -7.23
N THR A 182 19.83 -21.60 -7.46
CA THR A 182 20.60 -20.44 -7.88
C THR A 182 21.25 -19.69 -6.72
N TYR A 183 20.97 -20.09 -5.48
CA TYR A 183 21.64 -19.48 -4.34
C TYR A 183 23.14 -19.73 -4.39
N GLY A 184 23.91 -18.80 -3.84
CA GLY A 184 25.33 -19.06 -3.61
C GLY A 184 25.55 -20.18 -2.61
N VAL A 185 26.77 -20.75 -2.63
CA VAL A 185 27.03 -21.93 -1.79
C VAL A 185 26.87 -21.59 -0.30
N GLY A 186 27.07 -20.34 0.09
CA GLY A 186 26.83 -19.98 1.48
C GLY A 186 25.39 -20.18 1.90
N TYR A 187 24.45 -20.12 0.96
CA TYR A 187 23.02 -20.27 1.23
C TYR A 187 22.46 -21.59 0.73
N GLN A 188 23.27 -22.41 0.10
CA GLN A 188 22.82 -23.71 -0.36
C GLN A 188 22.72 -24.67 0.83
N PRO A 189 21.90 -25.71 0.70
CA PRO A 189 21.75 -26.66 1.81
C PRO A 189 22.98 -27.55 1.94
N TYR A 190 23.35 -27.82 3.19
CA TYR A 190 24.39 -28.79 3.52
C TYR A 190 23.83 -29.79 4.51
N ARG A 191 24.01 -31.07 4.21
CA ARG A 191 23.66 -32.13 5.15
C ARG A 191 24.81 -32.33 6.13
N VAL A 192 24.46 -32.48 7.40
CA VAL A 192 25.43 -32.51 8.48
C VAL A 192 25.20 -33.78 9.29
N VAL A 193 26.29 -34.46 9.65
CA VAL A 193 26.25 -35.59 10.57
C VAL A 193 27.23 -35.29 11.69
N VAL A 194 26.73 -35.29 12.92
CA VAL A 194 27.55 -35.11 14.12
C VAL A 194 27.67 -36.46 14.81
N LEU A 195 28.90 -36.94 14.93
CA LEU A 195 29.20 -38.19 15.62
C LEU A 195 29.82 -37.87 16.97
N SER A 196 29.13 -38.26 18.06
CA SER A 196 29.63 -38.11 19.41
C SER A 196 30.23 -39.43 19.85
N PHE A 197 31.53 -39.43 20.15
CA PHE A 197 32.23 -40.64 20.62
C PHE A 197 32.25 -40.63 22.14
N GLU A 198 31.39 -41.42 22.75
CA GLU A 198 31.22 -41.46 24.20
C GLU A 198 32.03 -42.61 24.80
N LEU A 199 32.77 -42.32 25.87
CA LEU A 199 33.55 -43.33 26.58
C LEU A 199 33.17 -43.30 28.05
N LEU A 200 32.23 -44.17 28.43
CA LEU A 200 31.78 -44.37 29.79
C LEU A 200 32.33 -45.70 30.30
N HIS A 201 31.90 -46.09 31.51
CA HIS A 201 32.32 -47.36 32.11
C HIS A 201 31.48 -48.51 31.54
N ALA A 202 31.86 -48.94 30.35
CA ALA A 202 31.23 -50.05 29.67
C ALA A 202 32.25 -50.64 28.71
N PRO A 203 32.00 -51.84 28.19
CA PRO A 203 32.89 -52.37 27.16
C PRO A 203 32.91 -51.47 25.93
N ALA A 204 34.11 -51.24 25.40
CA ALA A 204 34.23 -50.46 24.18
C ALA A 204 33.84 -51.36 23.02
N THR A 205 32.58 -51.23 22.59
CA THR A 205 31.99 -52.11 21.59
C THR A 205 32.10 -51.57 20.17
N VAL A 206 32.45 -50.31 19.99
CA VAL A 206 32.53 -49.68 18.68
C VAL A 206 33.99 -49.40 18.38
N CYS A 207 34.53 -50.09 17.36
CA CYS A 207 35.93 -49.93 16.99
C CYS A 207 36.03 -49.59 15.52
N GLY A 208 37.20 -49.12 15.12
CA GLY A 208 37.48 -48.80 13.73
C GLY A 208 38.08 -49.95 12.94
N GLU B 1 -24.42 -23.70 19.37
CA GLU B 1 -23.17 -23.65 18.62
C GLU B 1 -22.59 -22.23 18.57
N VAL B 2 -21.34 -22.14 18.14
CA VAL B 2 -20.68 -20.85 17.97
C VAL B 2 -21.38 -20.08 16.87
N GLN B 3 -21.73 -18.83 17.13
CA GLN B 3 -22.50 -18.03 16.21
C GLN B 3 -22.07 -16.57 16.28
N LEU B 4 -22.04 -15.90 15.13
CA LEU B 4 -21.83 -14.45 15.06
C LEU B 4 -23.03 -13.81 14.40
N VAL B 5 -23.62 -12.81 15.05
CA VAL B 5 -24.81 -12.12 14.54
C VAL B 5 -24.47 -10.66 14.34
N GLN B 6 -24.64 -10.16 13.12
CA GLN B 6 -24.30 -8.79 12.77
C GLN B 6 -25.57 -7.94 12.73
N SER B 7 -25.38 -6.63 12.80
CA SER B 7 -26.50 -5.69 12.78
C SER B 7 -27.06 -5.59 11.36
N GLY B 8 -28.16 -4.85 11.25
CA GLY B 8 -28.94 -4.81 10.03
C GLY B 8 -28.32 -3.93 8.94
N ALA B 9 -28.98 -3.94 7.78
CA ALA B 9 -28.51 -3.19 6.63
C ALA B 9 -28.52 -1.70 6.91
N GLU B 10 -27.57 -0.98 6.30
CA GLU B 10 -27.37 0.43 6.55
C GLU B 10 -27.47 1.21 5.24
N VAL B 11 -28.24 2.29 5.27
CA VAL B 11 -28.37 3.21 4.14
C VAL B 11 -27.93 4.59 4.63
N LYS B 12 -26.85 5.10 4.05
CA LYS B 12 -26.21 6.31 4.56
C LYS B 12 -25.86 7.21 3.39
N LYS B 13 -25.56 8.46 3.72
CA LYS B 13 -25.04 9.44 2.77
C LYS B 13 -23.57 9.72 3.06
N PRO B 14 -22.81 10.15 2.06
CA PRO B 14 -21.41 10.50 2.31
C PRO B 14 -21.29 11.58 3.38
N GLY B 15 -20.29 11.42 4.25
CA GLY B 15 -20.06 12.33 5.35
C GLY B 15 -20.66 11.90 6.67
N GLU B 16 -21.58 10.95 6.68
CA GLU B 16 -22.15 10.50 7.94
C GLU B 16 -21.25 9.46 8.59
N SER B 17 -21.32 9.40 9.92
CA SER B 17 -20.58 8.37 10.63
C SER B 17 -21.41 7.09 10.70
N LEU B 18 -20.73 5.97 10.96
CA LEU B 18 -21.41 4.70 11.02
C LEU B 18 -20.64 3.72 11.89
N LYS B 19 -21.38 2.98 12.70
CA LYS B 19 -20.82 1.90 13.52
C LYS B 19 -21.72 0.68 13.36
N ILE B 20 -21.16 -0.41 12.86
CA ILE B 20 -21.89 -1.67 12.74
C ILE B 20 -21.31 -2.65 13.75
N SER B 21 -22.11 -3.66 14.10
CA SER B 21 -21.79 -4.52 15.23
C SER B 21 -21.87 -5.99 14.86
N CYS B 22 -21.25 -6.81 15.70
CA CYS B 22 -21.14 -8.25 15.51
C CYS B 22 -21.10 -8.88 16.90
N LYS B 23 -22.16 -9.59 17.29
CA LYS B 23 -22.28 -10.17 18.63
C LYS B 23 -21.99 -11.67 18.59
N GLY B 24 -21.09 -12.12 19.44
CA GLY B 24 -20.72 -13.53 19.50
C GLY B 24 -21.44 -14.30 20.59
N SER B 25 -21.71 -15.57 20.31
CA SER B 25 -22.43 -16.43 21.23
C SER B 25 -21.88 -17.85 21.15
N GLY B 26 -21.98 -18.56 22.26
CA GLY B 26 -21.61 -19.96 22.32
C GLY B 26 -20.13 -20.22 22.41
N TYR B 27 -19.33 -19.24 22.82
CA TYR B 27 -17.91 -19.47 23.03
C TYR B 27 -17.37 -18.38 23.93
N SER B 28 -16.13 -18.58 24.37
CA SER B 28 -15.43 -17.63 25.23
C SER B 28 -14.99 -16.44 24.39
N PHE B 29 -15.74 -15.33 24.50
CA PHE B 29 -15.54 -14.19 23.60
C PHE B 29 -14.14 -13.59 23.74
N THR B 30 -13.55 -13.67 24.93
CA THR B 30 -12.24 -13.06 25.19
C THR B 30 -11.06 -13.94 24.81
N ASN B 31 -11.28 -15.09 24.17
CA ASN B 31 -10.19 -16.02 23.88
C ASN B 31 -9.93 -16.20 22.40
N TYR B 32 -10.61 -15.43 21.54
CA TYR B 32 -10.44 -15.54 20.10
C TYR B 32 -10.45 -14.16 19.46
N TRP B 33 -9.57 -13.97 18.48
CA TRP B 33 -9.62 -12.78 17.64
C TRP B 33 -10.90 -12.76 16.80
N ILE B 34 -11.44 -11.58 16.60
CA ILE B 34 -12.60 -11.38 15.73
C ILE B 34 -12.27 -10.28 14.74
N GLY B 35 -12.58 -10.50 13.46
CA GLY B 35 -12.11 -9.66 12.40
C GLY B 35 -13.20 -9.25 11.43
N TRP B 36 -12.86 -8.29 10.57
CA TRP B 36 -13.79 -7.74 9.58
C TRP B 36 -13.25 -7.94 8.17
N VAL B 37 -14.15 -8.27 7.25
CA VAL B 37 -13.83 -8.56 5.84
C VAL B 37 -14.80 -7.79 4.97
N ARG B 38 -14.27 -7.08 3.97
CA ARG B 38 -15.08 -6.28 3.04
C ARG B 38 -15.27 -7.03 1.72
N GLN B 39 -16.48 -6.95 1.16
CA GLN B 39 -16.75 -7.49 -0.17
C GLN B 39 -17.54 -6.47 -0.97
N MET B 40 -16.86 -5.76 -1.87
CA MET B 40 -17.57 -4.85 -2.75
C MET B 40 -18.40 -5.65 -3.76
N PRO B 41 -19.51 -5.08 -4.24
CA PRO B 41 -20.43 -5.85 -5.09
C PRO B 41 -19.74 -6.43 -6.32
N GLY B 42 -19.93 -7.73 -6.52
CA GLY B 42 -19.32 -8.44 -7.62
C GLY B 42 -17.85 -8.75 -7.47
N LYS B 43 -17.22 -8.36 -6.36
CA LYS B 43 -15.78 -8.48 -6.20
C LYS B 43 -15.44 -9.54 -5.14
N GLY B 44 -14.15 -9.67 -4.85
CA GLY B 44 -13.66 -10.65 -3.91
C GLY B 44 -13.62 -10.14 -2.49
N LEU B 45 -13.01 -10.94 -1.62
CA LEU B 45 -12.92 -10.65 -0.20
C LEU B 45 -11.64 -9.88 0.11
N GLU B 46 -11.74 -8.89 1.00
CA GLU B 46 -10.60 -8.08 1.44
C GLU B 46 -10.58 -8.09 2.96
N TRP B 47 -9.47 -8.53 3.53
CA TRP B 47 -9.33 -8.52 4.99
C TRP B 47 -9.08 -7.10 5.47
N MET B 48 -9.81 -6.69 6.51
CA MET B 48 -9.69 -5.32 7.01
C MET B 48 -8.88 -5.22 8.29
N GLY B 49 -9.18 -6.08 9.27
CA GLY B 49 -8.46 -6.04 10.54
C GLY B 49 -9.13 -6.94 11.56
N ILE B 50 -8.49 -7.02 12.74
CA ILE B 50 -8.95 -7.89 13.81
C ILE B 50 -8.73 -7.22 15.17
N ILE B 51 -9.52 -7.65 16.14
CA ILE B 51 -9.37 -7.21 17.53
C ILE B 51 -9.42 -8.43 18.44
N TYR B 52 -8.63 -8.42 19.52
CA TYR B 52 -8.67 -9.48 20.52
C TYR B 52 -9.44 -8.94 21.73
N PRO B 53 -10.69 -9.34 21.93
CA PRO B 53 -11.51 -8.69 22.98
C PRO B 53 -10.99 -8.91 24.39
N GLY B 54 -10.12 -9.91 24.60
CA GLY B 54 -9.57 -10.10 25.93
C GLY B 54 -8.73 -8.94 26.42
N ASP B 55 -8.06 -8.23 25.50
CA ASP B 55 -7.22 -7.10 25.93
C ASP B 55 -7.30 -5.89 25.00
N SER B 56 -8.23 -5.89 24.05
CA SER B 56 -8.48 -4.79 23.11
C SER B 56 -7.37 -4.56 22.11
N GLY B 57 -6.42 -5.47 21.98
CA GLY B 57 -5.39 -5.32 20.97
C GLY B 57 -5.96 -5.50 19.57
N THR B 58 -5.38 -4.76 18.62
CA THR B 58 -5.85 -4.78 17.24
C THR B 58 -4.70 -5.06 16.28
N ARG B 59 -5.05 -5.61 15.12
CA ARG B 59 -4.17 -5.66 13.96
C ARG B 59 -4.99 -5.18 12.77
N TYR B 60 -4.46 -4.22 12.02
CA TYR B 60 -5.14 -3.65 10.87
C TYR B 60 -4.38 -3.97 9.59
N SER B 61 -5.12 -4.23 8.52
CA SER B 61 -4.50 -4.27 7.20
C SER B 61 -3.91 -2.90 6.87
N PRO B 62 -2.77 -2.84 6.20
CA PRO B 62 -2.25 -1.54 5.78
C PRO B 62 -3.19 -0.77 4.86
N SER B 63 -4.04 -1.47 4.11
CA SER B 63 -5.00 -0.80 3.23
C SER B 63 -6.15 -0.18 4.00
N PHE B 64 -6.31 -0.51 5.28
CA PHE B 64 -7.42 0.02 6.06
C PHE B 64 -6.99 0.72 7.34
N GLN B 65 -5.71 0.64 7.72
CA GLN B 65 -5.22 1.39 8.86
C GLN B 65 -5.60 2.86 8.73
N GLY B 66 -6.14 3.42 9.81
CA GLY B 66 -6.51 4.82 9.83
C GLY B 66 -7.76 5.18 9.06
N GLN B 67 -8.30 4.30 8.24
CA GLN B 67 -9.55 4.55 7.54
C GLN B 67 -10.77 4.11 8.35
N VAL B 68 -10.61 3.17 9.28
CA VAL B 68 -11.70 2.61 10.06
C VAL B 68 -11.18 2.34 11.46
N THR B 69 -12.11 2.11 12.39
CA THR B 69 -11.77 1.78 13.75
C THR B 69 -12.49 0.51 14.14
N ILE B 70 -11.75 -0.49 14.62
CA ILE B 70 -12.33 -1.73 15.12
C ILE B 70 -12.27 -1.70 16.63
N SER B 71 -13.37 -2.04 17.29
CA SER B 71 -13.42 -2.02 18.75
C SER B 71 -14.23 -3.22 19.23
N ALA B 72 -14.31 -3.37 20.55
CA ALA B 72 -15.04 -4.49 21.15
C ALA B 72 -15.48 -4.11 22.55
N ASP B 73 -16.58 -4.71 22.97
CA ASP B 73 -17.13 -4.55 24.31
C ASP B 73 -17.36 -5.95 24.86
N LYS B 74 -16.43 -6.45 25.68
CA LYS B 74 -16.51 -7.85 26.07
C LYS B 74 -17.66 -8.12 27.03
N SER B 75 -18.14 -7.12 27.78
CA SER B 75 -19.26 -7.40 28.67
C SER B 75 -20.52 -7.76 27.91
N ILE B 76 -20.61 -7.44 26.62
CA ILE B 76 -21.80 -7.81 25.86
C ILE B 76 -21.39 -8.57 24.60
N ARG B 77 -20.17 -9.10 24.60
CA ARG B 77 -19.69 -10.04 23.57
C ARG B 77 -19.84 -9.47 22.16
N THR B 78 -19.49 -8.19 21.99
CA THR B 78 -19.75 -7.50 20.73
C THR B 78 -18.48 -6.84 20.21
N ALA B 79 -18.26 -7.00 18.91
CA ALA B 79 -17.20 -6.32 18.17
C ALA B 79 -17.82 -5.31 17.20
N TYR B 80 -17.06 -4.26 16.89
CA TYR B 80 -17.57 -3.16 16.10
C TYR B 80 -16.61 -2.77 15.00
N LEU B 81 -17.17 -2.18 13.95
CA LEU B 81 -16.42 -1.59 12.86
C LEU B 81 -17.00 -0.21 12.62
N GLN B 82 -16.15 0.81 12.59
CA GLN B 82 -16.67 2.17 12.63
C GLN B 82 -15.99 3.05 11.60
N TRP B 83 -16.77 3.90 10.95
CA TRP B 83 -16.30 4.98 10.08
C TRP B 83 -16.71 6.30 10.69
N SER B 84 -15.79 7.27 10.71
CA SER B 84 -16.14 8.61 11.14
C SER B 84 -16.82 9.41 10.03
N SER B 85 -16.50 9.14 8.77
CA SER B 85 -17.08 9.89 7.65
C SER B 85 -17.12 9.00 6.42
N LEU B 86 -18.29 8.43 6.12
CA LEU B 86 -18.43 7.50 5.03
C LEU B 86 -18.24 8.17 3.67
N LYS B 87 -17.71 7.39 2.73
CA LYS B 87 -17.68 7.74 1.31
C LYS B 87 -18.60 6.78 0.55
N ALA B 88 -19.01 7.20 -0.65
CA ALA B 88 -19.76 6.29 -1.52
C ALA B 88 -18.98 5.01 -1.77
N SER B 89 -17.65 5.12 -1.87
CA SER B 89 -16.79 3.94 -2.10
C SER B 89 -16.80 2.96 -0.93
N ASP B 90 -17.33 3.33 0.23
CA ASP B 90 -17.48 2.39 1.32
C ASP B 90 -18.66 1.45 1.14
N SER B 91 -19.46 1.63 0.09
CA SER B 91 -20.59 0.75 -0.18
C SER B 91 -20.09 -0.67 -0.44
N ALA B 92 -20.54 -1.62 0.38
CA ALA B 92 -20.06 -2.99 0.29
C ALA B 92 -20.82 -3.86 1.27
N MET B 93 -20.57 -5.16 1.19
CA MET B 93 -20.96 -6.12 2.22
C MET B 93 -19.80 -6.28 3.20
N TYR B 94 -20.10 -6.32 4.48
CA TYR B 94 -19.08 -6.47 5.51
C TYR B 94 -19.40 -7.71 6.35
N TYR B 95 -18.41 -8.58 6.50
CA TYR B 95 -18.54 -9.77 7.33
C TYR B 95 -17.63 -9.64 8.54
N CYS B 96 -18.09 -10.17 9.67
CA CYS B 96 -17.19 -10.46 10.77
C CYS B 96 -16.97 -11.96 10.83
N ALA B 97 -15.84 -12.35 11.42
CA ALA B 97 -15.43 -13.74 11.46
C ALA B 97 -14.54 -13.94 12.67
N ARG B 98 -14.65 -15.13 13.28
CA ARG B 98 -13.77 -15.54 14.37
C ARG B 98 -12.50 -16.17 13.81
N SER B 99 -11.37 -15.78 14.36
CA SER B 99 -10.08 -16.32 13.94
C SER B 99 -9.69 -17.53 14.77
N ARG B 100 -8.97 -18.46 14.15
CA ARG B 100 -8.31 -19.57 14.82
C ARG B 100 -6.84 -19.52 14.43
N VAL B 101 -5.94 -19.76 15.38
CA VAL B 101 -4.51 -19.60 15.16
C VAL B 101 -3.73 -20.76 15.77
N GLY B 102 -2.52 -20.97 15.24
CA GLY B 102 -1.65 -22.00 15.75
C GLY B 102 -0.56 -22.36 14.77
N ALA B 103 -0.21 -23.65 14.71
CA ALA B 103 0.87 -24.08 13.83
C ALA B 103 0.72 -25.56 13.55
N THR B 104 1.19 -25.97 12.37
CA THR B 104 1.16 -27.36 11.98
C THR B 104 2.47 -27.68 11.27
N GLY B 105 3.23 -28.62 11.82
CA GLY B 105 4.49 -29.02 11.22
C GLY B 105 5.49 -27.91 11.05
N GLY B 106 5.48 -26.91 11.94
CA GLY B 106 6.41 -25.80 11.84
C GLY B 106 5.96 -24.62 10.98
N TYR B 107 4.73 -24.65 10.46
CA TYR B 107 4.21 -23.57 9.62
C TYR B 107 3.01 -22.94 10.31
N TYR B 108 2.86 -21.62 10.12
CA TYR B 108 1.86 -20.84 10.86
C TYR B 108 0.44 -21.03 10.31
N ASP B 109 -0.51 -21.33 11.21
CA ASP B 109 -1.92 -21.48 10.85
C ASP B 109 -2.71 -20.23 11.26
N TYR B 110 -3.56 -19.76 10.34
CA TYR B 110 -4.51 -18.68 10.64
C TYR B 110 -5.72 -18.89 9.76
N TYR B 111 -6.90 -19.03 10.37
CA TYR B 111 -8.09 -19.22 9.55
C TYR B 111 -9.30 -18.65 10.27
N MET B 112 -10.40 -18.55 9.54
CA MET B 112 -11.62 -17.90 10.02
C MET B 112 -12.71 -18.95 10.01
N ASP B 113 -13.03 -19.51 11.17
CA ASP B 113 -13.84 -20.72 11.18
C ASP B 113 -15.32 -20.45 11.35
N VAL B 114 -15.70 -19.32 11.95
CA VAL B 114 -17.12 -18.97 12.12
C VAL B 114 -17.31 -17.58 11.54
N TRP B 115 -18.37 -17.42 10.74
CA TRP B 115 -18.65 -16.19 10.02
C TRP B 115 -20.01 -15.63 10.39
N GLY B 116 -20.10 -14.30 10.51
CA GLY B 116 -21.38 -13.64 10.60
C GLY B 116 -22.13 -13.69 9.28
N GLN B 117 -23.42 -13.30 9.32
CA GLN B 117 -24.26 -13.35 8.13
C GLN B 117 -24.04 -12.18 7.18
N GLY B 118 -23.28 -11.17 7.58
CA GLY B 118 -22.97 -10.05 6.72
C GLY B 118 -23.88 -8.85 6.97
N THR B 119 -23.34 -7.66 6.70
CA THR B 119 -24.06 -6.40 6.83
C THR B 119 -23.85 -5.60 5.56
N THR B 120 -24.94 -5.24 4.89
CA THR B 120 -24.87 -4.41 3.69
C THR B 120 -24.80 -2.95 4.10
N VAL B 121 -23.87 -2.21 3.51
CA VAL B 121 -23.75 -0.77 3.70
C VAL B 121 -23.86 -0.11 2.33
N THR B 122 -24.86 0.76 2.17
CA THR B 122 -25.08 1.48 0.92
C THR B 122 -24.97 2.98 1.19
N VAL B 123 -23.98 3.62 0.57
CA VAL B 123 -23.70 5.04 0.78
C VAL B 123 -23.85 5.77 -0.54
N SER B 124 -24.81 6.69 -0.61
CA SER B 124 -25.03 7.43 -1.84
C SER B 124 -25.52 8.83 -1.55
N SER B 125 -25.05 9.78 -2.36
CA SER B 125 -25.54 11.16 -2.32
C SER B 125 -26.52 11.44 -3.45
N ALA B 126 -26.93 10.43 -4.21
CA ALA B 126 -27.82 10.66 -5.32
C ALA B 126 -29.20 11.06 -4.81
N SER B 127 -29.82 11.99 -5.53
CA SER B 127 -31.20 12.41 -5.31
C SER B 127 -32.13 11.74 -6.30
N THR B 128 -33.40 11.64 -5.92
CA THR B 128 -34.42 11.07 -6.80
C THR B 128 -34.44 11.80 -8.14
N LYS B 129 -34.30 11.04 -9.23
CA LYS B 129 -34.23 11.62 -10.56
C LYS B 129 -34.87 10.66 -11.56
N GLY B 130 -35.73 11.18 -12.42
CA GLY B 130 -36.33 10.40 -13.48
C GLY B 130 -35.40 10.20 -14.65
N PRO B 131 -35.60 9.14 -15.42
CA PRO B 131 -34.70 8.84 -16.54
C PRO B 131 -34.98 9.68 -17.78
N SER B 132 -33.93 9.86 -18.57
CA SER B 132 -34.07 10.26 -19.96
C SER B 132 -34.14 9.00 -20.79
N VAL B 133 -35.04 8.98 -21.77
CA VAL B 133 -35.31 7.78 -22.55
C VAL B 133 -34.99 8.08 -24.01
N PHE B 134 -34.09 7.29 -24.59
CA PHE B 134 -33.70 7.46 -25.97
C PHE B 134 -34.00 6.19 -26.77
N PRO B 135 -34.42 6.31 -28.02
CA PRO B 135 -34.66 5.12 -28.83
C PRO B 135 -33.35 4.50 -29.32
N LEU B 136 -33.37 3.19 -29.45
CA LEU B 136 -32.23 2.44 -29.99
C LEU B 136 -32.70 1.88 -31.32
N ALA B 137 -32.41 2.60 -32.40
CA ALA B 137 -33.02 2.32 -33.67
C ALA B 137 -32.46 1.03 -34.27
N PRO B 138 -33.28 0.26 -34.97
CA PRO B 138 -32.77 -0.94 -35.63
C PRO B 138 -31.80 -0.53 -36.72
N SER B 139 -30.72 -1.30 -36.86
CA SER B 139 -29.74 -0.96 -37.87
C SER B 139 -30.29 -1.24 -39.26
N SER B 140 -29.68 -0.63 -40.26
CA SER B 140 -30.14 -0.81 -41.63
C SER B 140 -29.46 -1.98 -42.33
N LYS B 141 -28.45 -2.58 -41.71
CA LYS B 141 -27.84 -3.80 -42.24
C LYS B 141 -28.63 -5.01 -41.76
N GLY B 146 -32.26 -12.14 -40.71
CA GLY B 146 -33.69 -12.34 -40.76
C GLY B 146 -34.42 -11.85 -39.52
N THR B 147 -33.66 -11.29 -38.57
CA THR B 147 -34.22 -10.70 -37.36
C THR B 147 -33.42 -9.46 -37.02
N ALA B 148 -34.02 -8.59 -36.22
CA ALA B 148 -33.41 -7.31 -35.88
C ALA B 148 -33.75 -6.97 -34.44
N ALA B 149 -32.82 -6.28 -33.79
CA ALA B 149 -32.97 -5.88 -32.41
C ALA B 149 -33.13 -4.37 -32.35
N LEU B 150 -34.20 -3.92 -31.70
CA LEU B 150 -34.41 -2.51 -31.43
C LEU B 150 -34.69 -2.36 -29.93
N GLY B 151 -34.54 -1.14 -29.42
CA GLY B 151 -34.72 -1.00 -28.00
C GLY B 151 -34.83 0.43 -27.53
N CYS B 152 -34.68 0.59 -26.22
CA CYS B 152 -34.79 1.87 -25.54
C CYS B 152 -33.72 1.96 -24.47
N LEU B 153 -33.01 3.09 -24.46
CA LEU B 153 -31.98 3.39 -23.47
C LEU B 153 -32.61 4.23 -22.37
N VAL B 154 -32.58 3.72 -21.14
CA VAL B 154 -33.18 4.37 -19.98
C VAL B 154 -32.04 4.86 -19.10
N LYS B 155 -31.79 6.17 -19.12
CA LYS B 155 -30.50 6.73 -18.70
C LYS B 155 -30.64 7.67 -17.51
N ASP B 156 -29.73 7.52 -16.54
CA ASP B 156 -29.52 8.49 -15.47
C ASP B 156 -30.74 8.65 -14.56
N TYR B 157 -31.11 7.57 -13.88
CA TYR B 157 -32.23 7.63 -12.96
C TYR B 157 -31.81 7.12 -11.59
N PHE B 158 -32.58 7.52 -10.58
CA PHE B 158 -32.30 7.12 -9.21
C PHE B 158 -33.58 7.32 -8.41
N PRO B 159 -33.91 6.40 -7.49
CA PRO B 159 -33.23 5.12 -7.28
C PRO B 159 -33.84 4.03 -8.17
N GLU B 160 -33.38 2.78 -8.02
CA GLU B 160 -34.08 1.68 -8.66
C GLU B 160 -35.47 1.51 -8.04
N PRO B 161 -36.43 0.92 -8.77
CA PRO B 161 -36.28 0.41 -10.14
C PRO B 161 -37.08 1.19 -11.18
N VAL B 162 -36.91 0.84 -12.45
CA VAL B 162 -37.82 1.28 -13.50
C VAL B 162 -38.48 0.03 -14.08
N THR B 163 -39.65 0.22 -14.66
CA THR B 163 -40.32 -0.82 -15.41
C THR B 163 -40.36 -0.41 -16.88
N VAL B 164 -40.16 -1.38 -17.76
CA VAL B 164 -40.24 -1.15 -19.19
C VAL B 164 -41.23 -2.17 -19.76
N SER B 165 -42.19 -1.68 -20.52
CA SER B 165 -42.99 -2.56 -21.35
C SER B 165 -42.90 -2.08 -22.79
N TRP B 166 -43.48 -2.87 -23.69
CA TRP B 166 -43.47 -2.55 -25.10
C TRP B 166 -44.89 -2.63 -25.63
N ASN B 167 -45.32 -1.56 -26.32
CA ASN B 167 -46.67 -1.47 -26.87
C ASN B 167 -47.72 -1.74 -25.79
N SER B 168 -47.49 -1.17 -24.60
CA SER B 168 -48.42 -1.25 -23.46
C SER B 168 -48.66 -2.69 -23.02
N GLY B 169 -47.65 -3.54 -23.12
CA GLY B 169 -47.77 -4.92 -22.74
C GLY B 169 -48.26 -5.86 -23.82
N ALA B 170 -48.71 -5.31 -24.96
CA ALA B 170 -49.18 -6.18 -26.04
C ALA B 170 -48.06 -7.02 -26.63
N LEU B 171 -46.82 -6.56 -26.54
CA LEU B 171 -45.67 -7.25 -27.11
C LEU B 171 -44.78 -7.74 -25.97
N THR B 172 -44.64 -9.04 -25.86
CA THR B 172 -43.83 -9.63 -24.80
C THR B 172 -42.82 -10.63 -25.32
N SER B 173 -43.17 -11.39 -26.34
CA SER B 173 -42.23 -12.32 -26.94
C SER B 173 -41.04 -11.57 -27.52
N GLY B 174 -39.83 -11.99 -27.14
CA GLY B 174 -38.62 -11.38 -27.63
C GLY B 174 -38.15 -10.17 -26.87
N VAL B 175 -38.81 -9.83 -25.77
CA VAL B 175 -38.42 -8.67 -24.96
C VAL B 175 -37.33 -9.10 -23.97
N HIS B 176 -36.27 -8.31 -23.89
CA HIS B 176 -35.20 -8.55 -22.92
C HIS B 176 -34.86 -7.20 -22.31
N THR B 177 -35.29 -6.99 -21.08
CA THR B 177 -34.89 -5.83 -20.29
C THR B 177 -33.71 -6.23 -19.40
N PHE B 178 -32.54 -5.63 -19.66
CA PHE B 178 -31.31 -5.99 -18.98
C PHE B 178 -31.21 -5.30 -17.61
N PRO B 179 -30.56 -5.94 -16.63
CA PRO B 179 -30.30 -5.27 -15.36
C PRO B 179 -29.48 -3.99 -15.54
N ALA B 180 -29.68 -3.06 -14.62
CA ALA B 180 -29.07 -1.73 -14.75
C ALA B 180 -27.60 -1.73 -14.34
N VAL B 181 -26.85 -0.76 -14.91
CA VAL B 181 -25.52 -0.40 -14.43
C VAL B 181 -25.67 0.70 -13.39
N LEU B 182 -24.81 0.66 -12.38
CA LEU B 182 -24.67 1.76 -11.44
C LEU B 182 -23.44 2.56 -11.86
N GLN B 183 -23.66 3.75 -12.39
CA GLN B 183 -22.56 4.58 -12.83
C GLN B 183 -21.86 5.22 -11.64
N SER B 184 -20.58 5.57 -11.83
CA SER B 184 -19.83 6.21 -10.76
C SER B 184 -20.41 7.56 -10.36
N SER B 185 -21.33 8.12 -11.17
CA SER B 185 -22.06 9.31 -10.79
C SER B 185 -23.11 9.04 -9.72
N GLY B 186 -23.36 7.77 -9.38
CA GLY B 186 -24.43 7.39 -8.48
C GLY B 186 -25.77 7.13 -9.13
N LEU B 187 -25.89 7.35 -10.44
CA LEU B 187 -27.16 7.15 -11.14
C LEU B 187 -27.15 5.83 -11.91
N TYR B 188 -28.34 5.28 -12.12
CA TYR B 188 -28.51 4.03 -12.84
C TYR B 188 -28.89 4.26 -14.30
N SER B 189 -28.56 3.28 -15.13
CA SER B 189 -29.01 3.22 -16.52
C SER B 189 -29.28 1.77 -16.89
N LEU B 190 -30.27 1.55 -17.76
CA LEU B 190 -30.52 0.20 -18.25
C LEU B 190 -30.99 0.28 -19.69
N SER B 191 -31.05 -0.86 -20.34
CA SER B 191 -31.59 -0.94 -21.69
C SER B 191 -32.59 -2.08 -21.78
N SER B 192 -33.58 -1.89 -22.64
CA SER B 192 -34.57 -2.92 -22.96
C SER B 192 -34.59 -3.09 -24.46
N VAL B 193 -34.48 -4.33 -24.92
CA VAL B 193 -34.45 -4.63 -26.34
C VAL B 193 -35.49 -5.69 -26.65
N VAL B 194 -36.13 -5.56 -27.82
CA VAL B 194 -37.03 -6.56 -28.34
C VAL B 194 -36.50 -6.97 -29.70
N THR B 195 -36.39 -8.27 -29.91
CA THR B 195 -35.90 -8.82 -31.16
C THR B 195 -37.10 -9.26 -31.98
N VAL B 196 -37.21 -8.71 -33.19
CA VAL B 196 -38.37 -8.91 -34.05
C VAL B 196 -37.87 -9.38 -35.41
N PRO B 197 -38.76 -9.95 -36.24
CA PRO B 197 -38.35 -10.24 -37.62
C PRO B 197 -38.09 -8.95 -38.37
N SER B 198 -37.03 -8.98 -39.21
CA SER B 198 -36.65 -7.78 -39.95
C SER B 198 -37.78 -7.30 -40.87
N SER B 199 -38.66 -8.21 -41.29
CA SER B 199 -39.71 -7.88 -42.25
C SER B 199 -40.81 -7.02 -41.64
N SER B 200 -40.87 -6.87 -40.32
CA SER B 200 -41.91 -6.09 -39.69
C SER B 200 -41.46 -4.67 -39.36
N LEU B 201 -40.19 -4.34 -39.61
CA LEU B 201 -39.67 -3.03 -39.22
C LEU B 201 -40.40 -1.87 -39.89
N GLY B 202 -41.07 -2.09 -41.00
CA GLY B 202 -41.74 -1.00 -41.66
C GLY B 202 -43.24 -0.96 -41.41
N THR B 203 -43.81 -2.09 -41.03
CA THR B 203 -45.26 -2.23 -40.91
C THR B 203 -45.75 -2.22 -39.47
N GLN B 204 -44.87 -2.41 -38.51
CA GLN B 204 -45.25 -2.53 -37.11
C GLN B 204 -44.62 -1.39 -36.33
N THR B 205 -45.41 -0.74 -35.48
CA THR B 205 -44.90 0.33 -34.65
C THR B 205 -44.43 -0.25 -33.32
N TYR B 206 -43.33 0.29 -32.81
CA TYR B 206 -42.74 -0.17 -31.56
C TYR B 206 -42.56 1.03 -30.65
N ILE B 207 -43.16 0.96 -29.46
CA ILE B 207 -43.10 2.02 -28.46
C ILE B 207 -42.75 1.37 -27.12
N CYS B 208 -41.71 1.87 -26.47
CA CYS B 208 -41.36 1.38 -25.14
C CYS B 208 -42.00 2.28 -24.09
N ASN B 209 -42.60 1.66 -23.08
CA ASN B 209 -43.29 2.37 -22.00
C ASN B 209 -42.41 2.27 -20.76
N VAL B 210 -41.82 3.39 -20.37
CA VAL B 210 -40.88 3.42 -19.24
C VAL B 210 -41.56 4.13 -18.07
N ASN B 211 -41.51 3.49 -16.90
CA ASN B 211 -42.12 4.02 -15.69
C ASN B 211 -41.08 4.04 -14.59
N HIS B 212 -40.93 5.18 -13.93
CA HIS B 212 -40.04 5.31 -12.78
C HIS B 212 -40.89 5.87 -11.65
N LYS B 213 -41.43 4.97 -10.83
CA LYS B 213 -42.34 5.35 -9.75
C LYS B 213 -41.78 6.43 -8.81
N PRO B 214 -40.52 6.36 -8.33
CA PRO B 214 -40.06 7.35 -7.35
C PRO B 214 -40.07 8.78 -7.86
N SER B 215 -39.98 9.01 -9.16
CA SER B 215 -40.07 10.34 -9.71
C SER B 215 -41.42 10.61 -10.35
N ASN B 216 -42.35 9.66 -10.24
CA ASN B 216 -43.65 9.73 -10.91
C ASN B 216 -43.47 9.99 -12.42
N THR B 217 -42.48 9.33 -13.01
CA THR B 217 -42.17 9.47 -14.43
C THR B 217 -42.85 8.38 -15.25
N LYS B 218 -43.41 8.78 -16.38
CA LYS B 218 -44.07 7.88 -17.32
C LYS B 218 -43.69 8.38 -18.72
N VAL B 219 -42.86 7.62 -19.43
CA VAL B 219 -42.37 8.03 -20.75
C VAL B 219 -42.73 6.93 -21.76
N ASP B 220 -43.29 7.35 -22.89
CA ASP B 220 -43.58 6.44 -24.01
C ASP B 220 -42.81 6.93 -25.23
N LYS B 221 -41.85 6.13 -25.68
CA LYS B 221 -40.92 6.54 -26.73
C LYS B 221 -41.08 5.61 -27.92
N LYS B 222 -41.40 6.18 -29.07
CA LYS B 222 -41.50 5.40 -30.30
C LYS B 222 -40.10 5.15 -30.86
N VAL B 223 -39.87 3.93 -31.32
CA VAL B 223 -38.57 3.52 -31.86
C VAL B 223 -38.76 3.21 -33.34
N GLU B 224 -38.15 4.03 -34.19
CA GLU B 224 -38.27 3.94 -35.63
C GLU B 224 -36.89 3.73 -36.24
N PRO B 225 -36.81 3.18 -37.46
CA PRO B 225 -35.48 3.02 -38.07
C PRO B 225 -34.85 4.38 -38.31
N LYS B 226 -33.52 4.38 -38.34
CA LYS B 226 -32.77 5.63 -38.49
C LYS B 226 -32.83 6.13 -39.94
N SER B 227 -33.06 7.43 -40.08
CA SER B 227 -33.10 8.04 -41.40
C SER B 227 -31.76 8.69 -41.74
N GLN C 1 5.34 -9.14 -4.00
CA GLN C 1 4.91 -10.54 -4.02
C GLN C 1 4.00 -10.84 -2.82
N SER C 2 2.75 -10.35 -2.87
CA SER C 2 1.84 -10.53 -1.74
C SER C 2 0.41 -10.76 -2.19
N VAL C 3 0.21 -11.35 -3.37
CA VAL C 3 -1.12 -11.65 -3.88
C VAL C 3 -1.20 -13.14 -4.14
N LEU C 4 -2.31 -13.75 -3.74
CA LEU C 4 -2.57 -15.16 -4.04
C LEU C 4 -3.36 -15.21 -5.34
N THR C 5 -2.73 -15.71 -6.39
CA THR C 5 -3.34 -15.70 -7.72
C THR C 5 -4.14 -16.98 -7.93
N GLN C 6 -5.38 -16.81 -8.40
CA GLN C 6 -6.28 -17.90 -8.72
C GLN C 6 -6.86 -17.70 -10.11
N PRO C 7 -7.17 -18.77 -10.82
CA PRO C 7 -7.87 -18.64 -12.11
C PRO C 7 -9.23 -18.02 -11.92
N PRO C 8 -9.66 -17.14 -12.83
CA PRO C 8 -10.99 -16.51 -12.65
C PRO C 8 -12.13 -17.49 -12.60
N SER C 9 -12.12 -18.53 -13.43
CA SER C 9 -13.25 -19.44 -13.56
CA SER C 9 -13.24 -19.45 -13.51
C SER C 9 -12.77 -20.89 -13.67
N ALA C 10 -13.70 -21.81 -13.44
CA ALA C 10 -13.51 -23.24 -13.63
C ALA C 10 -14.89 -23.85 -13.78
N SER C 11 -14.95 -25.02 -14.42
CA SER C 11 -16.24 -25.66 -14.67
C SER C 11 -16.04 -27.15 -14.87
N GLY C 12 -17.13 -27.90 -14.65
CA GLY C 12 -17.17 -29.31 -14.95
C GLY C 12 -18.59 -29.82 -14.93
N THR C 13 -18.80 -30.99 -15.55
CA THR C 13 -20.09 -31.64 -15.49
C THR C 13 -20.28 -32.35 -14.15
N PRO C 14 -21.51 -32.66 -13.76
CA PRO C 14 -21.72 -33.36 -12.49
C PRO C 14 -20.99 -34.69 -12.49
N GLY C 15 -20.31 -34.99 -11.38
CA GLY C 15 -19.50 -36.17 -11.24
C GLY C 15 -18.04 -35.98 -11.61
N GLN C 16 -17.71 -34.94 -12.35
CA GLN C 16 -16.35 -34.67 -12.79
C GLN C 16 -15.52 -34.13 -11.62
N ARG C 17 -14.20 -34.07 -11.83
CA ARG C 17 -13.25 -33.51 -10.89
C ARG C 17 -12.71 -32.18 -11.43
N VAL C 18 -12.73 -31.14 -10.61
CA VAL C 18 -12.17 -29.84 -10.98
C VAL C 18 -11.09 -29.47 -9.98
N THR C 19 -10.02 -28.85 -10.47
CA THR C 19 -8.90 -28.40 -9.65
C THR C 19 -8.72 -26.89 -9.81
N ILE C 20 -8.41 -26.24 -8.70
CA ILE C 20 -8.26 -24.78 -8.63
C ILE C 20 -6.89 -24.48 -8.04
N SER C 21 -6.05 -23.79 -8.81
CA SER C 21 -4.71 -23.47 -8.34
C SER C 21 -4.71 -22.20 -7.48
N CYS C 22 -3.71 -22.12 -6.61
CA CYS C 22 -3.47 -20.94 -5.77
C CYS C 22 -1.97 -20.71 -5.75
N SER C 23 -1.53 -19.61 -6.36
CA SER C 23 -0.11 -19.32 -6.53
C SER C 23 0.31 -18.20 -5.58
N GLY C 24 1.35 -18.46 -4.77
CA GLY C 24 1.80 -17.49 -3.79
C GLY C 24 3.29 -17.21 -3.86
N SER C 25 3.89 -16.79 -2.75
CA SER C 25 5.30 -16.42 -2.72
C SER C 25 5.91 -16.83 -1.38
N SER C 26 7.20 -16.53 -1.23
CA SER C 26 7.91 -16.87 0.01
C SER C 26 7.30 -16.20 1.22
N SER C 27 6.72 -15.00 1.04
CA SER C 27 6.23 -14.21 2.16
C SER C 27 4.89 -14.73 2.69
N ASN C 28 4.15 -15.52 1.91
CA ASN C 28 2.92 -16.09 2.43
C ASN C 28 3.04 -17.61 2.49
N LEU C 29 2.76 -18.32 1.40
CA LEU C 29 2.75 -19.77 1.44
C LEU C 29 4.08 -20.38 1.84
N GLY C 30 5.20 -19.66 1.66
CA GLY C 30 6.49 -20.21 2.03
C GLY C 30 6.57 -20.62 3.48
N GLY C 31 6.01 -19.81 4.39
CA GLY C 31 6.11 -20.10 5.80
C GLY C 31 4.77 -20.23 6.50
N ASN C 32 3.69 -20.17 5.73
CA ASN C 32 2.35 -20.18 6.32
C ASN C 32 1.48 -21.17 5.55
N THR C 33 0.51 -21.74 6.26
CA THR C 33 -0.37 -22.70 5.61
C THR C 33 -1.51 -21.99 4.88
N VAL C 34 -2.07 -22.69 3.89
CA VAL C 34 -3.14 -22.14 3.05
C VAL C 34 -4.48 -22.65 3.53
N ASN C 35 -5.52 -21.87 3.27
CA ASN C 35 -6.90 -22.20 3.62
C ASN C 35 -7.80 -21.89 2.43
N TRP C 36 -8.99 -22.50 2.44
CA TRP C 36 -9.95 -22.27 1.37
C TRP C 36 -11.31 -21.92 1.96
N TYR C 37 -12.01 -20.99 1.30
CA TYR C 37 -13.34 -20.55 1.70
C TYR C 37 -14.28 -20.71 0.51
N GLN C 38 -15.49 -21.18 0.79
CA GLN C 38 -16.53 -21.40 -0.21
C GLN C 38 -17.67 -20.44 0.03
N GLN C 39 -18.06 -19.70 -1.00
CA GLN C 39 -19.15 -18.73 -0.91
C GLN C 39 -20.17 -19.05 -1.99
N LEU C 40 -21.28 -19.69 -1.60
CA LEU C 40 -22.39 -19.86 -2.53
C LEU C 40 -23.01 -18.49 -2.81
N PRO C 41 -23.60 -18.29 -4.01
CA PRO C 41 -24.14 -16.98 -4.34
C PRO C 41 -25.16 -16.51 -3.33
N GLY C 42 -25.04 -15.26 -2.90
CA GLY C 42 -25.95 -14.70 -1.93
C GLY C 42 -25.73 -15.15 -0.50
N THR C 43 -24.65 -15.86 -0.20
CA THR C 43 -24.41 -16.35 1.15
C THR C 43 -23.07 -15.84 1.68
N ALA C 44 -22.87 -16.02 2.97
CA ALA C 44 -21.57 -15.69 3.54
C ALA C 44 -20.53 -16.73 3.16
N PRO C 45 -19.27 -16.35 3.12
CA PRO C 45 -18.21 -17.35 2.98
C PRO C 45 -18.25 -18.33 4.14
N LYS C 46 -17.76 -19.54 3.88
CA LYS C 46 -17.58 -20.50 4.96
C LYS C 46 -16.21 -21.17 4.80
N LEU C 47 -15.63 -21.54 5.95
CA LEU C 47 -14.38 -22.27 5.93
C LEU C 47 -14.58 -23.61 5.25
N LEU C 48 -13.77 -23.88 4.23
CA LEU C 48 -13.83 -25.15 3.51
C LEU C 48 -12.64 -26.04 3.82
N ILE C 49 -11.43 -25.48 3.79
CA ILE C 49 -10.19 -26.19 4.11
C ILE C 49 -9.35 -25.29 5.00
N TYR C 50 -8.78 -25.85 6.06
CA TYR C 50 -7.81 -25.09 6.86
C TYR C 50 -6.51 -25.88 6.95
N SER C 51 -5.42 -25.12 7.07
CA SER C 51 -4.09 -25.69 7.26
C SER C 51 -3.76 -26.71 6.17
N ASN C 52 -3.86 -26.23 4.92
CA ASN C 52 -3.52 -26.96 3.69
C ASN C 52 -4.54 -28.00 3.30
N ASN C 53 -4.94 -28.88 4.23
CA ASN C 53 -5.69 -30.05 3.81
C ASN C 53 -6.67 -30.57 4.87
N GLN C 54 -7.01 -29.80 5.90
CA GLN C 54 -7.93 -30.25 6.93
C GLN C 54 -9.34 -29.75 6.61
N ARG C 55 -10.34 -30.60 6.89
CA ARG C 55 -11.72 -30.26 6.64
C ARG C 55 -12.48 -30.05 7.94
N PRO C 56 -13.19 -28.94 8.07
CA PRO C 56 -14.09 -28.77 9.22
C PRO C 56 -15.22 -29.78 9.15
N SER C 57 -15.91 -29.92 10.27
CA SER C 57 -17.13 -30.72 10.29
C SER C 57 -18.13 -30.14 9.30
N GLY C 58 -18.80 -31.01 8.56
CA GLY C 58 -19.77 -30.59 7.59
C GLY C 58 -19.21 -30.31 6.20
N VAL C 59 -17.92 -30.54 5.98
CA VAL C 59 -17.33 -30.46 4.65
C VAL C 59 -17.02 -31.88 4.18
N PRO C 60 -17.65 -32.36 3.11
CA PRO C 60 -17.44 -33.75 2.71
C PRO C 60 -16.04 -34.00 2.18
N ASP C 61 -15.68 -35.28 2.11
CA ASP C 61 -14.34 -35.67 1.68
C ASP C 61 -14.12 -35.48 0.18
N ARG C 62 -15.15 -35.03 -0.56
CA ARG C 62 -14.98 -34.72 -1.97
C ARG C 62 -14.05 -33.54 -2.18
N PHE C 63 -13.90 -32.70 -1.16
CA PHE C 63 -12.99 -31.57 -1.20
C PHE C 63 -11.67 -31.96 -0.56
N SER C 64 -10.57 -31.76 -1.27
CA SER C 64 -9.25 -32.02 -0.70
C SER C 64 -8.29 -30.94 -1.12
N GLY C 65 -7.46 -30.48 -0.19
CA GLY C 65 -6.50 -29.45 -0.51
C GLY C 65 -5.10 -29.99 -0.51
N SER C 66 -4.18 -29.31 -1.20
CA SER C 66 -2.78 -29.70 -1.17
C SER C 66 -1.95 -28.43 -1.32
N LYS C 67 -0.70 -28.49 -0.81
CA LYS C 67 0.21 -27.36 -0.87
C LYS C 67 1.62 -27.90 -1.08
N SER C 68 2.36 -27.26 -1.98
CA SER C 68 3.74 -27.63 -2.27
C SER C 68 4.51 -26.35 -2.52
N GLY C 69 5.34 -25.98 -1.56
CA GLY C 69 6.14 -24.76 -1.70
C GLY C 69 5.23 -23.53 -1.72
N THR C 70 5.31 -22.77 -2.80
CA THR C 70 4.54 -21.55 -2.93
C THR C 70 3.27 -21.76 -3.76
N SER C 71 2.88 -23.00 -3.99
CA SER C 71 1.72 -23.32 -4.78
C SER C 71 0.76 -24.17 -3.95
N ALA C 72 -0.52 -24.02 -4.24
CA ALA C 72 -1.54 -24.80 -3.54
C ALA C 72 -2.68 -25.08 -4.49
N SER C 73 -3.48 -26.09 -4.16
CA SER C 73 -4.55 -26.52 -5.04
C SER C 73 -5.72 -27.04 -4.23
N LEU C 74 -6.93 -26.75 -4.70
CA LEU C 74 -8.17 -27.35 -4.21
C LEU C 74 -8.70 -28.29 -5.29
N ALA C 75 -9.03 -29.52 -4.91
CA ALA C 75 -9.67 -30.48 -5.81
C ALA C 75 -11.08 -30.77 -5.31
N ILE C 76 -12.04 -30.70 -6.23
CA ILE C 76 -13.43 -31.08 -5.96
C ILE C 76 -13.71 -32.31 -6.80
N SER C 77 -13.85 -33.46 -6.14
CA SER C 77 -14.22 -34.68 -6.83
C SER C 77 -15.73 -34.87 -6.80
N GLY C 78 -16.24 -35.59 -7.79
CA GLY C 78 -17.66 -35.84 -7.90
C GLY C 78 -18.49 -34.60 -7.75
N LEU C 79 -18.30 -33.64 -8.65
CA LEU C 79 -18.99 -32.36 -8.60
C LEU C 79 -20.50 -32.55 -8.43
N GLN C 80 -21.07 -31.85 -7.46
CA GLN C 80 -22.51 -31.81 -7.27
C GLN C 80 -22.99 -30.37 -7.50
N SER C 81 -24.29 -30.23 -7.79
CA SER C 81 -24.82 -28.92 -8.15
C SER C 81 -24.60 -27.89 -7.04
N GLU C 82 -24.73 -28.30 -5.78
CA GLU C 82 -24.54 -27.32 -4.70
C GLU C 82 -23.10 -26.85 -4.56
N ASP C 83 -22.16 -27.45 -5.30
CA ASP C 83 -20.78 -27.00 -5.28
C ASP C 83 -20.55 -25.77 -6.14
N GLU C 84 -21.53 -25.35 -6.93
CA GLU C 84 -21.41 -24.14 -7.74
C GLU C 84 -21.25 -22.91 -6.84
N ALA C 85 -20.08 -22.29 -6.86
CA ALA C 85 -19.80 -21.23 -5.90
C ALA C 85 -18.50 -20.53 -6.26
N ASP C 86 -18.21 -19.46 -5.53
CA ASP C 86 -16.90 -18.84 -5.56
C ASP C 86 -16.03 -19.46 -4.49
N TYR C 87 -14.76 -19.68 -4.83
CA TYR C 87 -13.78 -20.27 -3.93
C TYR C 87 -12.60 -19.32 -3.81
N TYR C 88 -12.18 -19.07 -2.57
CA TYR C 88 -11.06 -18.19 -2.28
C TYR C 88 -10.04 -18.96 -1.47
N CYS C 89 -8.79 -18.96 -1.94
CA CYS C 89 -7.70 -19.39 -1.08
C CYS C 89 -7.25 -18.22 -0.21
N ALA C 90 -6.46 -18.53 0.82
CA ALA C 90 -6.04 -17.49 1.75
C ALA C 90 -4.89 -18.01 2.60
N ALA C 91 -4.06 -17.08 3.08
CA ALA C 91 -2.95 -17.41 3.96
C ALA C 91 -2.46 -16.13 4.62
N TRP C 92 -1.73 -16.30 5.72
CA TRP C 92 -1.03 -15.17 6.33
C TRP C 92 0.14 -14.75 5.44
N ASP C 93 0.32 -13.44 5.30
CA ASP C 93 1.43 -12.90 4.52
C ASP C 93 2.33 -12.05 5.41
N ASP C 94 3.63 -12.37 5.41
CA ASP C 94 4.57 -11.72 6.30
C ASP C 94 5.05 -10.36 5.79
N SER C 95 4.82 -10.04 4.51
CA SER C 95 5.16 -8.70 4.05
C SER C 95 4.14 -7.69 4.53
N LEU C 96 2.87 -8.08 4.54
CA LEU C 96 1.80 -7.22 5.02
C LEU C 96 1.48 -7.40 6.48
N ASN C 97 1.97 -8.47 7.13
CA ASN C 97 1.65 -8.77 8.52
C ASN C 97 0.14 -8.98 8.71
N GLY C 98 -0.46 -9.75 7.80
CA GLY C 98 -1.87 -10.02 7.92
C GLY C 98 -2.34 -11.08 6.93
N PRO C 99 -3.53 -11.60 7.16
CA PRO C 99 -4.10 -12.53 6.18
C PRO C 99 -4.42 -11.84 4.88
N VAL C 100 -4.32 -12.60 3.80
CA VAL C 100 -4.69 -12.14 2.47
C VAL C 100 -5.55 -13.22 1.83
N PHE C 101 -6.58 -12.79 1.11
CA PHE C 101 -7.44 -13.67 0.35
C PHE C 101 -6.94 -13.73 -1.09
N GLY C 102 -7.05 -14.90 -1.70
CA GLY C 102 -6.77 -15.01 -3.12
C GLY C 102 -7.80 -14.27 -3.96
N THR C 103 -7.50 -14.15 -5.25
CA THR C 103 -8.38 -13.38 -6.13
C THR C 103 -9.71 -14.06 -6.42
N GLY C 104 -9.88 -15.31 -6.04
CA GLY C 104 -11.16 -16.01 -6.16
C GLY C 104 -11.35 -16.71 -7.49
N THR C 105 -12.05 -17.85 -7.44
CA THR C 105 -12.38 -18.64 -8.62
C THR C 105 -13.86 -18.97 -8.60
N LYS C 106 -14.57 -18.64 -9.67
CA LYS C 106 -15.97 -19.01 -9.81
C LYS C 106 -16.04 -20.40 -10.42
N VAL C 107 -16.70 -21.33 -9.74
CA VAL C 107 -16.89 -22.69 -10.22
C VAL C 107 -18.34 -22.86 -10.66
N THR C 108 -18.54 -23.37 -11.86
CA THR C 108 -19.86 -23.63 -12.42
C THR C 108 -20.04 -25.14 -12.59
N VAL C 109 -21.16 -25.66 -12.10
CA VAL C 109 -21.54 -27.04 -12.29
C VAL C 109 -22.45 -27.06 -13.52
N LEU C 110 -21.86 -27.37 -14.67
CA LEU C 110 -22.54 -27.37 -15.96
C LEU C 110 -23.84 -28.15 -15.98
N GLY C 111 -24.97 -27.44 -16.03
CA GLY C 111 -26.28 -28.03 -16.09
C GLY C 111 -26.82 -28.10 -17.51
N GLN C 112 -26.14 -27.42 -18.43
CA GLN C 112 -26.54 -27.36 -19.84
C GLN C 112 -25.27 -27.16 -20.65
N PRO C 113 -25.33 -27.37 -21.96
CA PRO C 113 -24.12 -27.21 -22.79
C PRO C 113 -23.67 -25.76 -22.82
N LYS C 114 -22.36 -25.59 -23.09
CA LYS C 114 -21.79 -24.26 -23.21
C LYS C 114 -22.54 -23.44 -24.25
N ALA C 115 -22.71 -22.15 -23.99
CA ALA C 115 -23.44 -21.28 -24.91
C ALA C 115 -22.68 -19.97 -25.08
N ASN C 116 -22.42 -19.64 -26.33
CA ASN C 116 -21.77 -18.40 -26.70
C ASN C 116 -22.74 -17.23 -26.58
N PRO C 117 -22.24 -16.04 -26.25
CA PRO C 117 -23.13 -14.89 -26.07
C PRO C 117 -23.62 -14.30 -27.38
N THR C 118 -24.83 -13.75 -27.32
CA THR C 118 -25.36 -12.91 -28.37
C THR C 118 -24.99 -11.47 -28.05
N VAL C 119 -24.38 -10.78 -29.01
CA VAL C 119 -23.87 -9.43 -28.79
C VAL C 119 -24.62 -8.47 -29.72
N THR C 120 -25.27 -7.48 -29.12
CA THR C 120 -25.95 -6.40 -29.84
C THR C 120 -25.31 -5.07 -29.43
N LEU C 121 -24.80 -4.33 -30.42
CA LEU C 121 -24.15 -3.05 -30.18
C LEU C 121 -24.92 -1.94 -30.87
N PHE C 122 -25.33 -0.91 -30.09
CA PHE C 122 -26.06 0.25 -30.59
C PHE C 122 -25.20 1.50 -30.56
N PRO C 123 -25.32 2.35 -31.59
CA PRO C 123 -24.62 3.63 -31.58
C PRO C 123 -25.41 4.67 -30.80
N PRO C 124 -24.85 5.85 -30.56
CA PRO C 124 -25.63 6.91 -29.92
C PRO C 124 -26.83 7.30 -30.77
N SER C 125 -27.97 7.44 -30.13
CA SER C 125 -29.16 7.90 -30.83
C SER C 125 -28.97 9.34 -31.28
N SER C 126 -29.70 9.74 -32.33
CA SER C 126 -29.63 11.12 -32.76
C SER C 126 -30.16 12.05 -31.69
N GLU C 127 -31.14 11.59 -30.90
CA GLU C 127 -31.73 12.42 -29.86
C GLU C 127 -30.78 12.61 -28.68
N GLU C 128 -29.96 11.61 -28.35
CA GLU C 128 -28.97 11.84 -27.30
C GLU C 128 -27.91 12.81 -27.77
N LEU C 129 -27.50 12.70 -29.04
CA LEU C 129 -26.46 13.57 -29.58
C LEU C 129 -26.89 15.03 -29.53
N GLN C 130 -28.14 15.31 -29.90
CA GLN C 130 -28.64 16.68 -29.85
C GLN C 130 -28.71 17.21 -28.42
N ALA C 131 -28.68 16.33 -27.43
CA ALA C 131 -28.56 16.72 -26.03
C ALA C 131 -27.09 16.84 -25.59
N ASN C 132 -26.16 16.75 -26.53
CA ASN C 132 -24.71 16.90 -26.27
C ASN C 132 -24.17 15.75 -25.44
N LYS C 133 -24.67 14.54 -25.67
CA LYS C 133 -24.16 13.35 -25.01
C LYS C 133 -24.08 12.22 -26.03
N ALA C 134 -23.37 11.15 -25.66
CA ALA C 134 -23.19 10.02 -26.56
C ALA C 134 -22.92 8.77 -25.74
N THR C 135 -23.74 7.74 -25.94
CA THR C 135 -23.58 6.47 -25.24
C THR C 135 -23.65 5.32 -26.24
N LEU C 136 -22.62 4.49 -26.25
CA LEU C 136 -22.64 3.23 -26.96
C LEU C 136 -23.13 2.13 -26.03
N VAL C 137 -24.02 1.28 -26.54
CA VAL C 137 -24.72 0.28 -25.73
C VAL C 137 -24.40 -1.10 -26.28
N CYS C 138 -23.67 -1.90 -25.50
CA CYS C 138 -23.28 -3.25 -25.88
C CYS C 138 -24.01 -4.22 -24.96
N LEU C 139 -24.96 -4.98 -25.53
CA LEU C 139 -25.82 -5.87 -24.76
C LEU C 139 -25.43 -7.31 -25.05
N ILE C 140 -25.20 -8.09 -23.99
CA ILE C 140 -24.59 -9.41 -24.08
C ILE C 140 -25.51 -10.39 -23.38
N SER C 141 -25.96 -11.42 -24.11
CA SER C 141 -26.99 -12.29 -23.55
C SER C 141 -26.79 -13.72 -24.03
N ASP C 142 -27.49 -14.63 -23.35
CA ASP C 142 -27.57 -16.04 -23.74
C ASP C 142 -26.22 -16.76 -23.69
N PHE C 143 -25.38 -16.40 -22.72
CA PHE C 143 -24.09 -17.07 -22.58
C PHE C 143 -24.05 -17.94 -21.33
N TYR C 144 -23.27 -19.04 -21.43
CA TYR C 144 -23.12 -19.98 -20.34
C TYR C 144 -21.77 -20.68 -20.47
N PRO C 145 -21.00 -20.81 -19.36
CA PRO C 145 -21.33 -20.30 -18.02
C PRO C 145 -21.32 -18.78 -17.93
N GLY C 146 -21.69 -18.24 -16.76
CA GLY C 146 -21.93 -16.81 -16.65
C GLY C 146 -20.72 -15.94 -16.44
N ALA C 147 -19.74 -16.03 -17.34
CA ALA C 147 -18.52 -15.25 -17.23
C ALA C 147 -18.13 -14.72 -18.59
N VAL C 148 -17.98 -13.40 -18.69
CA VAL C 148 -17.50 -12.74 -19.90
C VAL C 148 -16.57 -11.61 -19.49
N THR C 149 -15.72 -11.22 -20.43
CA THR C 149 -14.93 -10.00 -20.34
C THR C 149 -15.21 -9.16 -21.58
N VAL C 150 -15.19 -7.83 -21.39
CA VAL C 150 -15.57 -6.89 -22.44
C VAL C 150 -14.42 -5.93 -22.68
N ALA C 151 -14.05 -5.77 -23.95
CA ALA C 151 -13.04 -4.80 -24.38
C ALA C 151 -13.64 -3.88 -25.43
N TRP C 152 -13.44 -2.58 -25.26
CA TRP C 152 -13.92 -1.57 -26.20
C TRP C 152 -12.79 -1.06 -27.07
N LYS C 153 -13.12 -0.65 -28.29
CA LYS C 153 -12.13 -0.25 -29.27
C LYS C 153 -12.60 1.01 -29.99
N ALA C 154 -11.69 1.99 -30.12
CA ALA C 154 -11.89 3.14 -30.99
C ALA C 154 -11.09 2.90 -32.26
N ASP C 155 -11.78 2.80 -33.39
CA ASP C 155 -11.19 2.32 -34.64
C ASP C 155 -10.56 0.96 -34.41
N SER C 156 -9.28 0.95 -34.00
CA SER C 156 -8.63 -0.29 -33.61
C SER C 156 -7.74 -0.11 -32.38
N SER C 157 -7.96 0.97 -31.60
CA SER C 157 -7.20 1.28 -30.41
C SER C 157 -8.02 1.02 -29.14
N PRO C 158 -7.39 0.57 -28.07
CA PRO C 158 -8.15 0.26 -26.85
C PRO C 158 -8.67 1.51 -26.18
N VAL C 159 -9.85 1.39 -25.56
CA VAL C 159 -10.48 2.47 -24.83
C VAL C 159 -10.87 1.98 -23.45
N LYS C 160 -10.53 2.76 -22.43
CA LYS C 160 -10.78 2.35 -21.06
C LYS C 160 -11.61 3.35 -20.27
N ALA C 161 -11.36 4.65 -20.45
CA ALA C 161 -12.10 5.67 -19.71
C ALA C 161 -13.55 5.67 -20.16
N GLY C 162 -14.46 5.85 -19.20
CA GLY C 162 -15.87 5.96 -19.52
C GLY C 162 -16.59 4.66 -19.79
N VAL C 163 -16.04 3.53 -19.36
CA VAL C 163 -16.67 2.22 -19.53
C VAL C 163 -17.38 1.82 -18.24
N GLU C 164 -18.63 1.37 -18.37
CA GLU C 164 -19.41 0.85 -17.25
C GLU C 164 -19.99 -0.49 -17.64
N THR C 165 -19.68 -1.54 -16.89
CA THR C 165 -20.11 -2.90 -17.22
C THR C 165 -20.79 -3.57 -16.03
N THR C 166 -21.93 -4.21 -16.28
CA THR C 166 -22.61 -4.94 -15.22
C THR C 166 -21.90 -6.25 -14.94
N THR C 167 -22.16 -6.79 -13.76
CA THR C 167 -21.84 -8.18 -13.49
C THR C 167 -22.82 -9.06 -14.26
N PRO C 168 -22.40 -10.27 -14.66
CA PRO C 168 -23.35 -11.17 -15.32
C PRO C 168 -24.48 -11.51 -14.37
N SER C 169 -25.69 -11.60 -14.92
CA SER C 169 -26.87 -11.96 -14.14
C SER C 169 -27.59 -13.11 -14.81
N LYS C 170 -28.06 -14.05 -14.01
CA LYS C 170 -28.78 -15.21 -14.52
C LYS C 170 -30.11 -14.77 -15.12
N GLN C 171 -30.37 -15.20 -16.35
CA GLN C 171 -31.63 -14.89 -16.99
C GLN C 171 -32.57 -16.08 -16.83
N SER C 172 -33.73 -16.02 -17.50
CA SER C 172 -34.79 -16.99 -17.29
C SER C 172 -34.32 -18.42 -17.57
N ASN C 173 -33.82 -18.67 -18.78
CA ASN C 173 -33.39 -19.98 -19.26
C ASN C 173 -32.09 -20.48 -18.59
N ASN C 174 -31.67 -19.84 -17.50
CA ASN C 174 -30.49 -20.16 -16.73
C ASN C 174 -29.19 -19.85 -17.47
N LYS C 175 -29.27 -19.25 -18.65
CA LYS C 175 -28.11 -18.61 -19.26
C LYS C 175 -27.92 -17.25 -18.58
N TYR C 176 -26.98 -16.44 -19.06
CA TYR C 176 -26.63 -15.21 -18.36
C TYR C 176 -26.68 -14.02 -19.30
N ALA C 177 -26.79 -12.83 -18.71
CA ALA C 177 -26.83 -11.58 -19.45
C ALA C 177 -25.91 -10.55 -18.81
N ALA C 178 -25.45 -9.61 -19.62
CA ALA C 178 -24.65 -8.49 -19.13
C ALA C 178 -24.77 -7.34 -20.13
N SER C 179 -24.39 -6.15 -19.69
CA SER C 179 -24.40 -5.00 -20.58
C SER C 179 -23.21 -4.12 -20.25
N SER C 180 -22.67 -3.47 -21.28
CA SER C 180 -21.51 -2.61 -21.13
C SER C 180 -21.80 -1.29 -21.84
N TYR C 181 -21.48 -0.18 -21.17
CA TYR C 181 -21.80 1.16 -21.64
C TYR C 181 -20.52 1.97 -21.81
N LEU C 182 -20.40 2.65 -22.95
CA LEU C 182 -19.29 3.55 -23.21
C LEU C 182 -19.82 4.97 -23.37
N SER C 183 -19.39 5.86 -22.49
CA SER C 183 -19.80 7.26 -22.53
C SER C 183 -18.76 8.06 -23.32
N LEU C 184 -19.23 8.84 -24.29
CA LEU C 184 -18.34 9.65 -25.11
C LEU C 184 -18.95 11.05 -25.26
N THR C 185 -18.10 11.99 -25.60
CA THR C 185 -18.63 13.24 -26.11
C THR C 185 -18.98 13.07 -27.59
N PRO C 186 -19.96 13.81 -28.08
CA PRO C 186 -20.28 13.73 -29.52
C PRO C 186 -19.08 13.97 -30.42
N GLU C 187 -18.14 14.82 -30.00
CA GLU C 187 -16.94 15.07 -30.79
C GLU C 187 -16.10 13.80 -30.92
N GLN C 188 -15.93 13.08 -29.80
CA GLN C 188 -15.18 11.82 -29.84
C GLN C 188 -15.86 10.80 -30.74
N TRP C 189 -17.18 10.70 -30.66
CA TRP C 189 -17.92 9.76 -31.49
C TRP C 189 -17.79 10.10 -32.98
N LYS C 190 -17.82 11.39 -33.31
CA LYS C 190 -17.75 11.81 -34.71
C LYS C 190 -16.33 11.90 -35.24
N SER C 191 -15.30 11.81 -34.38
CA SER C 191 -13.93 11.88 -34.86
C SER C 191 -13.47 10.55 -35.44
N HIS C 192 -13.71 9.46 -34.73
CA HIS C 192 -13.26 8.14 -35.18
C HIS C 192 -14.19 7.61 -36.26
N ARG C 193 -13.69 6.61 -36.99
CA ARG C 193 -14.48 6.00 -38.05
C ARG C 193 -15.38 4.89 -37.55
N SER C 194 -15.06 4.29 -36.41
CA SER C 194 -15.86 3.20 -35.86
C SER C 194 -15.44 2.96 -34.42
N TYR C 195 -16.38 2.40 -33.66
CA TYR C 195 -16.11 1.88 -32.32
C TYR C 195 -16.54 0.42 -32.26
N SER C 196 -15.84 -0.36 -31.45
CA SER C 196 -16.09 -1.79 -31.37
C SER C 196 -16.31 -2.21 -29.93
N CYS C 197 -17.18 -3.21 -29.77
CA CYS C 197 -17.36 -3.89 -28.49
C CYS C 197 -16.96 -5.35 -28.69
N GLN C 198 -15.92 -5.77 -27.96
CA GLN C 198 -15.35 -7.10 -28.10
C GLN C 198 -15.66 -7.91 -26.85
N VAL C 199 -16.41 -9.00 -27.01
CA VAL C 199 -16.83 -9.85 -25.91
C VAL C 199 -16.10 -11.18 -26.01
N THR C 200 -15.46 -11.59 -24.90
CA THR C 200 -14.73 -12.84 -24.82
C THR C 200 -15.42 -13.78 -23.85
N HIS C 201 -15.67 -15.02 -24.31
CA HIS C 201 -16.35 -16.03 -23.50
C HIS C 201 -15.62 -17.35 -23.71
N GLU C 202 -14.88 -17.78 -22.69
CA GLU C 202 -14.15 -19.05 -22.69
C GLU C 202 -13.34 -19.22 -23.97
N GLY C 203 -12.41 -18.29 -24.20
CA GLY C 203 -11.52 -18.35 -25.33
C GLY C 203 -12.09 -17.91 -26.66
N SER C 204 -13.40 -17.82 -26.79
CA SER C 204 -14.01 -17.30 -28.02
C SER C 204 -14.26 -15.80 -27.89
N THR C 205 -14.34 -15.13 -29.04
CA THR C 205 -14.43 -13.68 -29.06
C THR C 205 -15.44 -13.24 -30.11
N VAL C 206 -16.40 -12.40 -29.69
CA VAL C 206 -17.42 -11.85 -30.56
C VAL C 206 -17.28 -10.34 -30.55
N GLU C 207 -17.18 -9.74 -31.73
CA GLU C 207 -16.98 -8.31 -31.87
C GLU C 207 -18.04 -7.72 -32.77
N LYS C 208 -18.62 -6.60 -32.35
CA LYS C 208 -19.55 -5.82 -33.14
C LYS C 208 -19.01 -4.40 -33.27
N THR C 209 -19.32 -3.77 -34.41
CA THR C 209 -18.76 -2.46 -34.72
C THR C 209 -19.84 -1.54 -35.27
N VAL C 210 -19.84 -0.29 -34.81
CA VAL C 210 -20.75 0.75 -35.28
C VAL C 210 -19.93 1.96 -35.72
N ALA C 211 -20.48 2.69 -36.69
CA ALA C 211 -19.83 3.86 -37.26
C ALA C 211 -20.78 5.06 -37.24
N PRO C 212 -20.24 6.26 -37.05
CA PRO C 212 -21.09 7.47 -37.10
C PRO C 212 -21.64 7.74 -38.50
N THR C 213 -22.87 7.31 -38.76
CA THR C 213 -23.51 7.65 -40.03
C THR C 213 -24.93 8.14 -39.81
N THR D 15 41.08 12.85 51.60
CA THR D 15 41.13 12.29 50.26
C THR D 15 39.80 12.47 49.52
N ASN D 16 39.87 12.45 48.19
CA ASN D 16 38.71 12.73 47.35
C ASN D 16 37.80 11.51 47.24
N LEU D 17 36.50 11.75 47.37
CA LEU D 17 35.52 10.67 47.27
C LEU D 17 35.32 10.26 45.82
N CYS D 18 35.10 8.96 45.62
CA CYS D 18 34.80 8.45 44.29
C CYS D 18 33.47 9.03 43.83
N PRO D 19 33.37 9.53 42.59
CA PRO D 19 32.12 10.16 42.12
C PRO D 19 31.04 9.15 41.73
N PHE D 20 30.55 8.41 42.72
CA PHE D 20 29.47 7.46 42.44
C PHE D 20 28.15 8.18 42.22
N GLY D 21 28.00 9.37 42.77
CA GLY D 21 26.77 10.13 42.58
C GLY D 21 26.55 10.49 41.13
N GLU D 22 27.63 10.86 40.43
CA GLU D 22 27.52 11.22 39.02
C GLU D 22 26.92 10.09 38.20
N VAL D 23 27.10 8.84 38.64
CA VAL D 23 26.60 7.68 37.89
C VAL D 23 25.20 7.30 38.33
N PHE D 24 24.99 7.14 39.64
CA PHE D 24 23.69 6.73 40.12
C PHE D 24 22.66 7.84 39.96
N ASN D 25 23.08 9.09 40.04
CA ASN D 25 22.17 10.22 39.99
C ASN D 25 22.19 10.94 38.65
N ALA D 26 22.68 10.31 37.59
CA ALA D 26 22.63 10.95 36.28
C ALA D 26 21.17 11.22 35.90
N THR D 27 20.92 12.38 35.30
CA THR D 27 19.55 12.72 34.92
C THR D 27 19.07 11.86 33.76
N ARG D 28 19.95 11.47 32.85
CA ARG D 28 19.58 10.55 31.78
C ARG D 28 20.57 9.39 31.73
N PHE D 29 20.04 8.23 31.37
CA PHE D 29 20.79 6.99 31.20
C PHE D 29 20.84 6.62 29.73
N ALA D 30 21.79 5.77 29.39
CA ALA D 30 21.96 5.31 28.02
C ALA D 30 21.00 4.18 27.70
N SER D 31 20.73 4.00 26.40
CA SER D 31 20.15 2.75 25.96
C SER D 31 21.13 1.62 26.21
N VAL D 32 20.61 0.42 26.50
CA VAL D 32 21.49 -0.68 26.88
C VAL D 32 22.42 -1.08 25.74
N TYR D 33 21.96 -0.96 24.48
CA TYR D 33 22.85 -1.32 23.38
C TYR D 33 24.03 -0.37 23.28
N ALA D 34 23.86 0.86 23.76
CA ALA D 34 24.94 1.85 23.78
C ALA D 34 25.33 2.16 25.22
N TRP D 35 25.41 1.11 26.04
CA TRP D 35 25.60 1.27 27.48
C TRP D 35 26.81 2.14 27.78
N ASN D 36 26.68 2.98 28.79
CA ASN D 36 27.73 3.92 29.19
C ASN D 36 28.70 3.26 30.16
N ARG D 37 29.96 3.65 30.06
CA ARG D 37 30.98 3.21 31.01
C ARG D 37 31.63 4.42 31.64
N LYS D 38 31.74 4.41 32.97
CA LYS D 38 32.47 5.43 33.72
C LYS D 38 33.61 4.74 34.45
N ARG D 39 34.81 5.26 34.25
CA ARG D 39 36.00 4.73 34.92
C ARG D 39 36.22 5.49 36.22
N ILE D 40 36.34 4.74 37.32
CA ILE D 40 36.53 5.32 38.64
C ILE D 40 37.90 4.88 39.16
N SER D 41 38.75 5.85 39.48
CA SER D 41 40.10 5.55 39.94
C SER D 41 40.58 6.62 40.91
N ASN D 42 41.73 6.33 41.52
CA ASN D 42 42.46 7.23 42.40
C ASN D 42 41.55 8.00 43.34
N CYS D 43 40.79 7.25 44.13
CA CYS D 43 39.79 7.87 44.99
C CYS D 43 39.44 6.93 46.12
N VAL D 44 38.68 7.46 47.07
CA VAL D 44 38.24 6.74 48.26
C VAL D 44 36.75 6.51 48.08
N ALA D 45 36.33 5.26 48.14
CA ALA D 45 34.93 4.98 47.90
C ALA D 45 34.20 4.71 49.20
N ASP D 46 32.92 5.06 49.21
CA ASP D 46 32.07 4.86 50.37
C ASP D 46 30.87 4.05 49.90
N TYR D 47 30.91 2.74 50.11
CA TYR D 47 29.84 1.89 49.64
C TYR D 47 28.71 1.80 50.66
N SER D 48 28.85 2.49 51.79
CA SER D 48 27.81 2.50 52.81
C SER D 48 26.51 3.07 52.26
N VAL D 49 26.60 4.22 51.57
CA VAL D 49 25.40 4.92 51.10
C VAL D 49 24.52 3.99 50.28
N LEU D 50 25.13 3.11 49.49
CA LEU D 50 24.38 2.17 48.67
C LEU D 50 23.53 1.21 49.49
N TYR D 51 23.88 0.95 50.75
CA TYR D 51 23.21 -0.07 51.53
C TYR D 51 21.82 0.38 51.96
N ASN D 52 20.92 -0.60 52.14
CA ASN D 52 19.63 -0.39 52.80
C ASN D 52 18.75 0.55 51.99
N SER D 53 18.91 0.47 50.67
CA SER D 53 18.23 1.40 49.78
C SER D 53 16.72 1.25 49.76
N ALA D 54 16.07 2.40 49.66
CA ALA D 54 14.63 2.46 49.43
C ALA D 54 14.31 2.42 47.95
N SER D 55 15.33 2.46 47.11
CA SER D 55 15.17 2.44 45.66
C SER D 55 15.65 1.16 44.99
N PHE D 56 16.77 0.59 45.42
CA PHE D 56 17.39 -0.51 44.66
C PHE D 56 16.60 -1.78 44.90
N SER D 57 15.86 -2.22 43.88
CA SER D 57 15.12 -3.47 43.97
C SER D 57 16.01 -4.66 43.69
N THR D 58 17.16 -4.44 43.07
CA THR D 58 18.19 -5.45 42.87
C THR D 58 19.50 -4.90 43.41
N PHE D 59 20.21 -5.71 44.19
CA PHE D 59 21.53 -5.39 44.71
C PHE D 59 22.24 -6.73 44.92
N LYS D 60 22.92 -7.19 43.88
CA LYS D 60 23.49 -8.52 43.87
C LYS D 60 24.97 -8.43 43.56
N CYS D 61 25.79 -9.04 44.40
CA CYS D 61 27.23 -9.02 44.23
C CYS D 61 27.75 -10.43 43.96
N TYR D 62 28.84 -10.49 43.22
CA TYR D 62 29.42 -11.74 42.75
C TYR D 62 30.92 -11.71 43.02
N GLY D 63 31.43 -12.75 43.67
CA GLY D 63 32.83 -12.79 44.00
C GLY D 63 33.26 -11.90 45.13
N VAL D 64 32.32 -11.23 45.79
CA VAL D 64 32.64 -10.26 46.84
C VAL D 64 31.43 -10.15 47.75
N SER D 65 31.68 -9.78 49.00
CA SER D 65 30.58 -9.67 49.96
C SER D 65 30.05 -8.24 49.93
N PRO D 66 28.72 -8.06 49.89
CA PRO D 66 28.19 -6.69 49.80
C PRO D 66 28.66 -5.81 50.95
N THR D 67 28.65 -6.32 52.17
CA THR D 67 29.11 -5.52 53.31
C THR D 67 30.62 -5.32 53.30
N LYS D 68 31.37 -6.38 52.96
CA LYS D 68 32.83 -6.32 52.99
C LYS D 68 33.35 -5.75 51.68
N LEU D 69 33.29 -4.44 51.59
CA LEU D 69 33.81 -3.70 50.44
C LEU D 69 34.69 -2.55 50.85
N ASN D 70 34.37 -1.90 51.97
CA ASN D 70 35.17 -0.78 52.46
C ASN D 70 36.58 -1.21 52.86
N ASP D 71 36.82 -2.51 53.03
CA ASP D 71 38.15 -2.99 53.40
C ASP D 71 39.00 -3.36 52.19
N LEU D 72 38.41 -3.41 51.00
CA LEU D 72 39.09 -3.90 49.82
C LEU D 72 39.55 -2.73 48.97
N CYS D 73 40.65 -2.97 48.26
CA CYS D 73 41.22 -1.99 47.34
C CYS D 73 41.35 -2.63 45.97
N PHE D 74 41.01 -1.86 44.95
CA PHE D 74 41.07 -2.35 43.58
C PHE D 74 41.88 -1.41 42.72
N THR D 75 42.31 -1.91 41.57
CA THR D 75 43.04 -1.05 40.65
C THR D 75 42.09 -0.06 40.00
N ASN D 76 40.92 -0.53 39.59
CA ASN D 76 39.92 0.32 38.97
C ASN D 76 38.54 -0.17 39.36
N VAL D 77 37.55 0.70 39.20
CA VAL D 77 36.16 0.32 39.32
C VAL D 77 35.46 0.90 38.10
N TYR D 78 34.77 0.05 37.36
CA TYR D 78 33.98 0.49 36.23
C TYR D 78 32.51 0.50 36.63
N ALA D 79 31.84 1.61 36.31
CA ALA D 79 30.42 1.78 36.56
C ALA D 79 29.77 1.84 35.18
N ASP D 80 29.11 0.75 34.81
CA ASP D 80 28.36 0.69 33.57
C ASP D 80 26.88 0.90 33.88
N SER D 81 26.20 1.69 33.06
CA SER D 81 24.84 2.08 33.36
C SER D 81 24.01 2.12 32.08
N PHE D 82 22.72 1.78 32.22
CA PHE D 82 21.83 1.68 31.09
C PHE D 82 20.42 1.39 31.62
N VAL D 83 19.45 1.38 30.70
CA VAL D 83 18.05 1.12 31.01
C VAL D 83 17.62 -0.14 30.26
N ILE D 84 16.94 -1.06 30.96
CA ILE D 84 16.33 -2.25 30.36
C ILE D 84 14.95 -2.39 30.97
N ARG D 85 14.23 -3.45 30.57
CA ARG D 85 12.94 -3.64 31.21
C ARG D 85 13.05 -4.61 32.38
N GLY D 86 11.99 -4.61 33.21
CA GLY D 86 12.07 -5.27 34.50
C GLY D 86 12.38 -6.74 34.41
N ASP D 87 11.72 -7.45 33.49
CA ASP D 87 11.94 -8.89 33.42
C ASP D 87 13.27 -9.24 32.78
N GLU D 88 14.08 -8.26 32.40
CA GLU D 88 15.40 -8.49 31.84
C GLU D 88 16.53 -8.29 32.85
N VAL D 89 16.23 -7.80 34.05
CA VAL D 89 17.28 -7.57 35.04
C VAL D 89 18.00 -8.87 35.39
N ARG D 90 17.28 -9.99 35.42
CA ARG D 90 17.89 -11.30 35.67
C ARG D 90 18.96 -11.66 34.65
N GLN D 91 18.95 -11.04 33.48
CA GLN D 91 20.00 -11.32 32.52
C GLN D 91 21.29 -10.57 32.81
N ILE D 92 21.25 -9.58 33.71
CA ILE D 92 22.47 -8.89 34.06
C ILE D 92 23.11 -9.66 35.21
N ALA D 93 23.67 -10.81 34.88
CA ALA D 93 24.29 -11.69 35.85
C ALA D 93 25.13 -12.70 35.09
N PRO D 94 26.20 -13.21 35.70
CA PRO D 94 27.03 -14.20 34.99
C PRO D 94 26.23 -15.43 34.59
N GLY D 95 26.57 -15.96 33.42
CA GLY D 95 26.01 -17.20 32.94
C GLY D 95 24.62 -17.11 32.33
N GLN D 96 24.10 -15.90 32.11
CA GLN D 96 22.75 -15.75 31.59
C GLN D 96 22.80 -15.58 30.07
N THR D 97 21.74 -16.04 29.42
CA THR D 97 21.56 -15.82 27.99
C THR D 97 20.17 -15.23 27.80
N GLY D 98 19.91 -14.77 26.58
CA GLY D 98 18.74 -13.97 26.29
C GLY D 98 19.13 -12.76 25.50
N ASN D 99 18.10 -12.01 25.10
CA ASN D 99 18.29 -10.90 24.16
CA ASN D 99 18.33 -10.93 24.14
C ASN D 99 19.28 -9.88 24.70
N ILE D 100 19.20 -9.57 25.99
CA ILE D 100 20.09 -8.56 26.56
C ILE D 100 21.49 -9.12 26.74
N ALA D 101 21.60 -10.29 27.36
CA ALA D 101 22.92 -10.86 27.61
C ALA D 101 23.61 -11.21 26.30
N ASP D 102 22.86 -11.73 25.33
CA ASP D 102 23.47 -12.16 24.06
C ASP D 102 23.92 -10.95 23.24
N TYR D 103 23.08 -9.92 23.13
CA TYR D 103 23.23 -8.92 22.10
C TYR D 103 23.41 -7.50 22.59
N ASN D 104 23.34 -7.25 23.90
CA ASN D 104 23.40 -5.88 24.38
C ASN D 104 24.46 -5.65 25.45
N TYR D 105 24.47 -6.46 26.51
CA TYR D 105 25.41 -6.24 27.61
C TYR D 105 25.69 -7.57 28.27
N LYS D 106 26.96 -8.00 28.25
CA LYS D 106 27.33 -9.36 28.63
C LYS D 106 28.31 -9.33 29.80
N LEU D 107 27.93 -9.97 30.90
CA LEU D 107 28.85 -10.16 32.03
C LEU D 107 29.64 -11.44 31.85
N PRO D 108 30.91 -11.46 32.25
CA PRO D 108 31.71 -12.68 32.14
C PRO D 108 31.32 -13.68 33.23
N ASP D 109 31.68 -14.94 32.99
CA ASP D 109 31.43 -15.98 34.00
C ASP D 109 32.11 -15.64 35.32
N ASP D 110 33.32 -15.09 35.26
CA ASP D 110 34.11 -14.79 36.46
C ASP D 110 33.93 -13.36 36.95
N PHE D 111 32.75 -12.77 36.74
CA PHE D 111 32.50 -11.39 37.14
C PHE D 111 32.73 -11.18 38.63
N THR D 112 33.50 -10.14 38.95
CA THR D 112 33.67 -9.67 40.32
C THR D 112 33.08 -8.27 40.38
N GLY D 113 31.97 -8.12 41.10
CA GLY D 113 31.32 -6.84 41.21
C GLY D 113 29.89 -6.99 41.68
N CYS D 114 29.13 -5.91 41.51
CA CYS D 114 27.75 -5.87 41.98
C CYS D 114 26.84 -5.31 40.89
N VAL D 115 25.61 -5.80 40.87
CA VAL D 115 24.59 -5.35 39.93
C VAL D 115 23.49 -4.66 40.74
N ILE D 116 23.22 -3.40 40.40
CA ILE D 116 22.24 -2.59 41.10
C ILE D 116 21.21 -2.10 40.10
N ALA D 117 19.93 -2.19 40.47
CA ALA D 117 18.86 -1.75 39.59
C ALA D 117 17.69 -1.21 40.40
N TRP D 118 16.94 -0.31 39.78
CA TRP D 118 15.74 0.20 40.41
C TRP D 118 14.72 0.57 39.35
N ASN D 119 13.45 0.40 39.71
CA ASN D 119 12.35 0.76 38.83
C ASN D 119 12.34 2.26 38.59
N SER D 120 12.35 2.65 37.31
CA SER D 120 12.35 4.06 36.95
C SER D 120 11.10 4.45 36.17
N ASN D 121 9.97 3.79 36.45
CA ASN D 121 8.74 4.06 35.71
C ASN D 121 8.35 5.53 35.77
N ASN D 122 8.58 6.19 36.91
CA ASN D 122 8.16 7.58 37.05
C ASN D 122 8.96 8.52 36.14
N LEU D 123 10.20 8.16 35.81
CA LEU D 123 11.07 9.04 35.03
C LEU D 123 11.19 8.65 33.57
N ASP D 124 11.16 7.36 33.26
CA ASP D 124 11.55 6.87 31.95
C ASP D 124 10.39 6.36 31.12
N SER D 125 9.18 6.34 31.66
CA SER D 125 8.01 6.02 30.85
C SER D 125 7.26 7.32 30.56
N LYS D 126 6.63 7.37 29.39
CA LYS D 126 5.87 8.53 28.97
C LYS D 126 4.55 8.07 28.37
N VAL D 127 3.52 8.92 28.52
CA VAL D 127 2.23 8.64 27.91
C VAL D 127 2.41 8.54 26.40
N GLY D 128 1.83 7.49 25.81
CA GLY D 128 2.07 7.24 24.41
C GLY D 128 3.37 6.55 24.10
N GLY D 129 4.21 6.28 25.11
CA GLY D 129 5.45 5.56 24.89
C GLY D 129 6.67 6.45 24.89
N ASN D 130 7.71 6.02 25.60
CA ASN D 130 9.00 6.69 25.52
C ASN D 130 9.80 6.09 24.38
N TYR D 131 10.27 6.95 23.48
CA TYR D 131 11.00 6.50 22.30
C TYR D 131 12.52 6.55 22.46
N ASN D 132 13.02 7.02 23.60
CA ASN D 132 14.47 7.25 23.72
C ASN D 132 15.28 5.99 24.01
N TYR D 133 14.68 4.96 24.63
CA TYR D 133 15.43 3.79 25.05
C TYR D 133 15.23 2.62 24.08
N LEU D 134 16.35 2.09 23.57
CA LEU D 134 16.35 1.03 22.57
C LEU D 134 17.19 -0.16 23.04
N TYR D 135 16.97 -1.30 22.38
CA TYR D 135 17.81 -2.49 22.57
C TYR D 135 17.99 -3.21 21.23
N ARG D 136 19.05 -3.99 21.14
CA ARG D 136 19.34 -4.78 19.95
C ARG D 136 18.65 -6.14 20.05
N LEU D 137 17.85 -6.47 19.05
CA LEU D 137 17.12 -7.74 18.99
C LEU D 137 17.81 -8.79 18.13
N PHE D 138 18.62 -8.39 17.17
CA PHE D 138 19.26 -9.32 16.25
C PHE D 138 20.75 -9.06 16.23
N ARG D 139 21.53 -10.13 16.12
CA ARG D 139 22.95 -10.02 15.89
C ARG D 139 23.49 -11.35 15.37
N LYS D 140 24.54 -11.27 14.55
CA LYS D 140 25.11 -12.48 13.94
C LYS D 140 25.75 -13.40 14.96
N SER D 141 26.22 -12.87 16.08
CA SER D 141 26.82 -13.70 17.12
C SER D 141 26.61 -13.02 18.45
N ASN D 142 26.87 -13.76 19.54
CA ASN D 142 26.73 -13.21 20.88
C ASN D 142 27.92 -12.31 21.22
N LEU D 143 27.66 -11.30 22.04
CA LEU D 143 28.72 -10.43 22.52
C LEU D 143 29.68 -11.19 23.43
N LYS D 144 30.94 -10.82 23.36
CA LYS D 144 31.89 -11.19 24.38
C LYS D 144 31.66 -10.30 25.60
N PRO D 145 32.14 -10.73 26.76
CA PRO D 145 31.92 -9.93 27.99
C PRO D 145 32.39 -8.49 27.81
N PHE D 146 31.56 -7.55 28.24
CA PHE D 146 31.85 -6.12 28.20
C PHE D 146 32.08 -5.59 26.78
N GLU D 147 31.65 -6.31 25.75
CA GLU D 147 31.65 -5.79 24.40
C GLU D 147 30.47 -4.83 24.20
N ARG D 148 30.65 -3.84 23.33
CA ARG D 148 29.58 -2.92 22.97
C ARG D 148 29.40 -2.95 21.46
N ASP D 149 28.14 -2.96 21.00
CA ASP D 149 27.82 -2.95 19.57
C ASP D 149 26.82 -1.84 19.33
N ILE D 150 27.24 -0.78 18.64
CA ILE D 150 26.34 0.32 18.29
C ILE D 150 26.11 0.41 16.78
N SER D 151 26.37 -0.67 16.04
CA SER D 151 26.15 -0.65 14.61
C SER D 151 24.65 -0.64 14.32
N THR D 152 24.30 -0.19 13.11
CA THR D 152 22.90 -0.07 12.74
C THR D 152 22.62 -0.65 11.36
N GLU D 153 23.37 -1.68 10.97
CA GLU D 153 23.18 -2.34 9.69
C GLU D 153 21.91 -3.20 9.71
N ILE D 154 21.19 -3.24 8.58
CA ILE D 154 20.04 -4.13 8.45
C ILE D 154 20.47 -5.58 8.67
N TYR D 155 19.74 -6.30 9.50
CA TYR D 155 20.07 -7.69 9.81
C TYR D 155 19.40 -8.62 8.79
N GLN D 156 20.22 -9.37 8.05
CA GLN D 156 19.73 -10.28 7.03
C GLN D 156 19.43 -11.63 7.66
N ALA D 157 18.14 -11.86 7.94
CA ALA D 157 17.76 -13.12 8.58
C ALA D 157 17.66 -14.24 7.57
N GLY D 158 17.30 -13.93 6.33
CA GLY D 158 17.11 -14.92 5.29
C GLY D 158 18.27 -14.99 4.32
N SER D 159 18.00 -15.53 3.14
CA SER D 159 19.01 -15.78 2.13
C SER D 159 19.09 -14.71 1.04
N THR D 160 18.20 -13.72 1.05
CA THR D 160 18.15 -12.62 0.09
C THR D 160 18.83 -11.38 0.67
N PRO D 161 19.75 -10.75 -0.06
CA PRO D 161 20.42 -9.55 0.47
C PRO D 161 19.44 -8.41 0.72
N CYS D 162 19.75 -7.61 1.73
CA CYS D 162 18.88 -6.50 2.13
C CYS D 162 19.27 -5.17 1.50
N ASN D 163 20.57 -4.93 1.28
CA ASN D 163 21.07 -3.69 0.70
C ASN D 163 20.53 -2.45 1.42
N GLY D 164 20.47 -2.52 2.75
CA GLY D 164 20.18 -1.36 3.56
C GLY D 164 18.71 -1.01 3.69
N VAL D 165 17.82 -1.87 3.22
CA VAL D 165 16.38 -1.63 3.19
C VAL D 165 15.67 -2.67 4.04
N LYS D 166 14.63 -2.25 4.77
CA LYS D 166 13.87 -3.18 5.57
C LYS D 166 12.89 -3.96 4.69
N GLY D 167 12.43 -5.08 5.21
CA GLY D 167 11.43 -5.86 4.47
C GLY D 167 11.42 -7.30 4.93
N PHE D 168 10.98 -8.18 4.03
CA PHE D 168 10.87 -9.59 4.35
C PHE D 168 12.25 -10.17 4.70
N ASN D 169 12.35 -10.78 5.88
CA ASN D 169 13.60 -11.34 6.44
C ASN D 169 14.71 -10.31 6.57
N CYS D 170 14.39 -9.01 6.54
CA CYS D 170 15.39 -7.95 6.59
C CYS D 170 14.97 -6.97 7.67
N TYR D 171 15.62 -7.01 8.84
CA TYR D 171 15.14 -6.29 10.00
C TYR D 171 16.13 -5.23 10.45
N PHE D 172 15.63 -4.05 10.76
CA PHE D 172 16.44 -3.08 11.48
C PHE D 172 16.75 -3.64 12.86
N PRO D 173 18.00 -3.61 13.32
CA PRO D 173 18.37 -4.39 14.50
C PRO D 173 17.97 -3.78 15.85
N LEU D 174 17.63 -2.50 15.91
CA LEU D 174 17.27 -1.86 17.18
C LEU D 174 15.76 -1.69 17.27
N GLN D 175 15.21 -1.98 18.44
CA GLN D 175 13.80 -1.84 18.74
C GLN D 175 13.63 -0.96 19.96
N SER D 176 12.60 -0.12 19.95
CA SER D 176 12.29 0.72 21.08
C SER D 176 11.52 -0.04 22.14
N TYR D 177 11.85 0.22 23.41
CA TYR D 177 11.09 -0.34 24.51
C TYR D 177 9.69 0.24 24.59
N GLY D 178 9.52 1.49 24.15
CA GLY D 178 8.22 2.14 24.16
C GLY D 178 7.58 2.19 25.52
N PHE D 179 8.35 2.50 26.56
CA PHE D 179 7.87 2.43 27.94
C PHE D 179 6.64 3.32 28.13
N GLN D 180 5.53 2.72 28.57
CA GLN D 180 4.33 3.42 28.93
C GLN D 180 4.02 3.19 30.40
N PRO D 181 3.52 4.20 31.12
CA PRO D 181 3.31 4.03 32.57
C PRO D 181 2.31 2.94 32.94
N THR D 182 1.41 2.58 32.04
CA THR D 182 0.41 1.55 32.32
C THR D 182 0.92 0.13 32.09
N TYR D 183 2.14 -0.06 31.61
CA TYR D 183 2.68 -1.40 31.46
C TYR D 183 2.80 -2.09 32.82
N GLY D 184 2.68 -3.41 32.82
CA GLY D 184 3.02 -4.18 33.99
C GLY D 184 4.50 -4.04 34.33
N VAL D 185 4.87 -4.39 35.57
CA VAL D 185 6.22 -4.10 36.04
C VAL D 185 7.28 -4.86 35.27
N GLY D 186 6.95 -6.03 34.72
CA GLY D 186 7.92 -6.75 33.93
C GLY D 186 8.36 -5.99 32.70
N TYR D 187 7.53 -5.07 32.22
CA TYR D 187 7.81 -4.28 31.03
C TYR D 187 8.19 -2.86 31.36
N GLN D 188 8.19 -2.47 32.63
CA GLN D 188 8.53 -1.12 33.02
C GLN D 188 10.04 -0.91 32.94
N PRO D 189 10.49 0.34 32.78
CA PRO D 189 11.93 0.60 32.71
C PRO D 189 12.60 0.45 34.06
N TYR D 190 13.81 -0.10 34.04
CA TYR D 190 14.67 -0.16 35.21
C TYR D 190 16.02 0.45 34.84
N ARG D 191 16.51 1.35 35.69
CA ARG D 191 17.87 1.84 35.56
C ARG D 191 18.82 0.88 36.25
N VAL D 192 19.94 0.59 35.60
CA VAL D 192 20.88 -0.43 36.08
C VAL D 192 22.26 0.19 36.15
N VAL D 193 22.97 -0.13 37.24
CA VAL D 193 24.38 0.21 37.40
C VAL D 193 25.13 -1.07 37.71
N VAL D 194 26.13 -1.38 36.89
CA VAL D 194 27.00 -2.53 37.12
C VAL D 194 28.35 -2.00 37.58
N LEU D 195 28.77 -2.41 38.77
CA LEU D 195 30.06 -2.04 39.31
C LEU D 195 31.01 -3.22 39.13
N SER D 196 32.04 -3.03 38.30
CA SER D 196 33.07 -4.04 38.09
C SER D 196 34.28 -3.68 38.95
N PHE D 197 34.66 -4.60 39.84
CA PHE D 197 35.82 -4.40 40.70
C PHE D 197 37.01 -5.07 40.05
N GLU D 198 37.88 -4.27 39.44
CA GLU D 198 39.01 -4.77 38.67
C GLU D 198 40.23 -4.87 39.56
N LEU D 199 40.90 -6.02 39.53
CA LEU D 199 42.08 -6.27 40.35
C LEU D 199 43.19 -6.71 39.40
N LEU D 200 44.02 -5.76 38.97
CA LEU D 200 45.13 -6.06 38.09
C LEU D 200 46.40 -6.13 38.90
N HIS D 201 47.51 -6.46 38.24
CA HIS D 201 48.81 -6.45 38.90
C HIS D 201 49.34 -5.02 38.79
N ALA D 202 48.76 -4.16 39.62
CA ALA D 202 49.06 -2.73 39.61
C ALA D 202 48.71 -2.18 40.97
N PRO D 203 49.12 -0.96 41.28
CA PRO D 203 48.66 -0.34 42.53
C PRO D 203 47.15 -0.21 42.56
N ALA D 204 46.59 -0.56 43.71
CA ALA D 204 45.15 -0.44 43.99
C ALA D 204 44.82 1.01 44.36
N THR D 205 44.23 1.76 43.44
CA THR D 205 43.98 3.17 43.67
C THR D 205 42.59 3.46 44.24
N VAL D 206 41.68 2.50 44.26
CA VAL D 206 40.33 2.70 44.78
C VAL D 206 40.15 1.83 46.02
N CYS D 207 40.00 2.46 47.18
CA CYS D 207 39.78 1.76 48.44
C CYS D 207 38.51 2.28 49.10
N GLY D 208 38.01 1.48 50.03
CA GLY D 208 36.88 1.88 50.83
C GLY D 208 37.32 2.56 52.11
N LYS D 209 36.47 3.48 52.57
CA LYS D 209 36.73 4.20 53.82
C LYS D 209 35.49 4.99 54.24
N GLU E 1 29.86 16.09 -10.18
CA GLU E 1 28.87 16.02 -9.10
C GLU E 1 27.87 14.91 -9.36
N VAL E 2 27.18 14.47 -8.30
CA VAL E 2 26.13 13.47 -8.45
C VAL E 2 24.94 14.09 -9.16
N GLN E 3 24.47 13.42 -10.21
CA GLN E 3 23.34 13.93 -10.98
C GLN E 3 22.51 12.76 -11.48
N LEU E 4 21.21 12.98 -11.55
CA LEU E 4 20.29 12.10 -12.25
C LEU E 4 19.63 12.92 -13.34
N VAL E 5 19.71 12.43 -14.58
CA VAL E 5 19.17 13.13 -15.74
C VAL E 5 18.11 12.23 -16.38
N GLN E 6 16.90 12.76 -16.53
CA GLN E 6 15.79 11.99 -17.06
C GLN E 6 15.57 12.30 -18.53
N SER E 7 14.83 11.41 -19.19
CA SER E 7 14.54 11.55 -20.60
C SER E 7 13.50 12.64 -20.84
N GLY E 8 13.25 12.93 -22.12
CA GLY E 8 12.43 14.06 -22.50
C GLY E 8 10.93 13.81 -22.37
N ALA E 9 10.18 14.87 -22.63
CA ALA E 9 8.74 14.83 -22.48
C ALA E 9 8.11 13.82 -23.45
N GLU E 10 7.01 13.22 -23.01
CA GLU E 10 6.34 12.17 -23.76
C GLU E 10 4.89 12.55 -24.01
N VAL E 11 4.44 12.38 -25.25
CA VAL E 11 3.05 12.61 -25.64
C VAL E 11 2.54 11.30 -26.24
N LYS E 12 1.54 10.71 -25.59
CA LYS E 12 1.12 9.35 -25.89
C LYS E 12 -0.39 9.25 -25.97
N LYS E 13 -0.86 8.12 -26.51
CA LYS E 13 -2.26 7.73 -26.59
C LYS E 13 -2.55 6.60 -25.61
N PRO E 14 -3.80 6.47 -25.15
CA PRO E 14 -4.16 5.32 -24.32
C PRO E 14 -3.95 4.01 -25.07
N GLY E 15 -3.44 3.01 -24.35
CA GLY E 15 -3.15 1.71 -24.93
C GLY E 15 -1.74 1.52 -25.40
N GLU E 16 -0.98 2.60 -25.56
CA GLU E 16 0.41 2.52 -25.98
C GLU E 16 1.31 2.20 -24.79
N SER E 17 2.43 1.54 -25.07
CA SER E 17 3.45 1.27 -24.07
C SER E 17 4.41 2.46 -23.98
N LEU E 18 5.13 2.54 -22.87
CA LEU E 18 6.06 3.64 -22.64
C LEU E 18 7.15 3.20 -21.68
N LYS E 19 8.39 3.61 -22.00
CA LYS E 19 9.54 3.38 -21.12
C LYS E 19 10.33 4.66 -21.03
N ILE E 20 10.43 5.24 -19.84
CA ILE E 20 11.22 6.44 -19.62
C ILE E 20 12.44 6.08 -18.80
N SER E 21 13.46 6.94 -18.86
CA SER E 21 14.77 6.58 -18.35
C SER E 21 15.31 7.64 -17.39
N CYS E 22 16.30 7.21 -16.61
CA CYS E 22 16.92 8.04 -15.58
C CYS E 22 18.38 7.62 -15.50
N LYS E 23 19.29 8.47 -15.94
CA LYS E 23 20.71 8.14 -16.03
C LYS E 23 21.48 8.82 -14.91
N GLY E 24 22.29 8.04 -14.20
CA GLY E 24 23.08 8.55 -13.10
C GLY E 24 24.50 8.90 -13.52
N SER E 25 25.07 9.91 -12.83
CA SER E 25 26.41 10.39 -13.13
C SER E 25 27.11 10.76 -11.85
N GLY E 26 28.43 10.59 -11.84
CA GLY E 26 29.24 11.08 -10.74
C GLY E 26 29.18 10.26 -9.47
N TYR E 27 28.75 9.01 -9.53
CA TYR E 27 28.76 8.16 -8.35
C TYR E 27 28.67 6.70 -8.80
N SER E 28 28.91 5.81 -7.85
CA SER E 28 28.84 4.38 -8.13
C SER E 28 27.38 3.97 -8.24
N PHE E 29 26.91 3.82 -9.47
CA PHE E 29 25.48 3.60 -9.74
C PHE E 29 24.95 2.34 -9.08
N THR E 30 25.80 1.33 -8.89
CA THR E 30 25.31 0.06 -8.37
C THR E 30 25.20 0.03 -6.84
N ASN E 31 25.44 1.14 -6.15
CA ASN E 31 25.49 1.13 -4.70
C ASN E 31 24.34 1.88 -4.05
N TYR E 32 23.38 2.35 -4.82
CA TYR E 32 22.29 3.12 -4.26
C TYR E 32 21.00 2.72 -4.94
N TRP E 33 19.95 2.59 -4.14
CA TRP E 33 18.62 2.41 -4.70
C TRP E 33 18.22 3.65 -5.49
N ILE E 34 17.48 3.43 -6.56
CA ILE E 34 16.90 4.51 -7.36
C ILE E 34 15.40 4.31 -7.34
N GLY E 35 14.66 5.39 -7.11
CA GLY E 35 13.23 5.28 -6.90
C GLY E 35 12.51 6.21 -7.84
N TRP E 36 11.21 5.96 -7.98
CA TRP E 36 10.35 6.72 -8.88
C TRP E 36 9.20 7.33 -8.11
N VAL E 37 8.86 8.58 -8.44
CA VAL E 37 7.84 9.35 -7.74
C VAL E 37 6.90 9.96 -8.77
N ARG E 38 5.59 9.77 -8.56
CA ARG E 38 4.58 10.35 -9.43
C ARG E 38 4.02 11.61 -8.80
N GLN E 39 3.82 12.63 -9.62
CA GLN E 39 3.16 13.88 -9.21
C GLN E 39 2.12 14.22 -10.26
N MET E 40 0.86 13.97 -9.94
CA MET E 40 -0.21 14.39 -10.83
C MET E 40 -0.34 15.91 -10.80
N PRO E 41 -0.79 16.54 -11.88
CA PRO E 41 -0.79 18.00 -11.95
C PRO E 41 -1.54 18.64 -10.80
N GLY E 42 -0.87 19.57 -10.13
CA GLY E 42 -1.42 20.27 -8.98
C GLY E 42 -1.45 19.49 -7.69
N LYS E 43 -0.96 18.25 -7.67
CA LYS E 43 -1.08 17.39 -6.50
C LYS E 43 0.29 17.17 -5.85
N GLY E 44 0.33 16.30 -4.84
CA GLY E 44 1.54 16.02 -4.10
C GLY E 44 2.34 14.88 -4.72
N LEU E 45 3.35 14.44 -3.97
CA LEU E 45 4.25 13.39 -4.42
C LEU E 45 3.76 12.03 -3.97
N GLU E 46 3.88 11.03 -4.84
CA GLU E 46 3.50 9.66 -4.52
C GLU E 46 4.67 8.74 -4.83
N TRP E 47 5.15 8.02 -3.82
CA TRP E 47 6.24 7.08 -4.03
C TRP E 47 5.74 5.87 -4.82
N MET E 48 6.47 5.49 -5.86
CA MET E 48 6.07 4.37 -6.71
C MET E 48 6.85 3.10 -6.43
N GLY E 49 8.18 3.21 -6.32
CA GLY E 49 9.00 2.03 -6.07
C GLY E 49 10.46 2.38 -6.22
N ILE E 50 11.32 1.39 -5.94
CA ILE E 50 12.77 1.55 -5.97
C ILE E 50 13.40 0.30 -6.56
N ILE E 51 14.59 0.47 -7.15
CA ILE E 51 15.38 -0.65 -7.65
C ILE E 51 16.83 -0.48 -7.19
N TYR E 52 17.49 -1.60 -6.90
CA TYR E 52 18.90 -1.60 -6.56
C TYR E 52 19.69 -2.08 -7.76
N PRO E 53 20.38 -1.18 -8.48
CA PRO E 53 21.03 -1.60 -9.73
C PRO E 53 22.14 -2.59 -9.52
N GLY E 54 22.64 -2.75 -8.29
CA GLY E 54 23.67 -3.73 -8.06
C GLY E 54 23.23 -5.16 -8.31
N ASP E 55 21.95 -5.46 -8.04
CA ASP E 55 21.45 -6.82 -8.22
C ASP E 55 20.04 -6.84 -8.81
N SER E 56 19.50 -5.69 -9.23
CA SER E 56 18.20 -5.55 -9.87
C SER E 56 17.03 -5.86 -8.94
N GLY E 57 17.25 -5.94 -7.63
CA GLY E 57 16.13 -6.14 -6.73
C GLY E 57 15.25 -4.89 -6.68
N THR E 58 13.95 -5.11 -6.53
CA THR E 58 12.95 -4.05 -6.56
C THR E 58 12.04 -4.14 -5.34
N ARG E 59 11.48 -2.98 -4.97
CA ARG E 59 10.37 -2.87 -4.02
C ARG E 59 9.34 -1.91 -4.61
N TYR E 60 8.07 -2.30 -4.62
CA TYR E 60 7.00 -1.49 -5.17
C TYR E 60 6.04 -1.05 -4.08
N SER E 61 5.51 0.17 -4.20
CA SER E 61 4.38 0.55 -3.36
C SER E 61 3.18 -0.34 -3.67
N PRO E 62 2.36 -0.68 -2.66
CA PRO E 62 1.13 -1.45 -2.96
C PRO E 62 0.21 -0.71 -3.92
N SER E 63 0.28 0.63 -3.96
CA SER E 63 -0.54 1.38 -4.91
C SER E 63 -0.02 1.28 -6.34
N PHE E 64 1.18 0.75 -6.56
CA PHE E 64 1.75 0.68 -7.90
C PHE E 64 2.22 -0.71 -8.30
N GLN E 65 2.24 -1.67 -7.38
CA GLN E 65 2.57 -3.06 -7.71
C GLN E 65 1.70 -3.56 -8.85
N GLY E 66 2.35 -4.16 -9.85
CA GLY E 66 1.67 -4.69 -11.01
C GLY E 66 1.18 -3.66 -12.01
N GLN E 67 1.21 -2.38 -11.68
CA GLN E 67 0.83 -1.34 -12.63
C GLN E 67 2.00 -0.85 -13.47
N VAL E 68 3.24 -0.99 -12.98
CA VAL E 68 4.42 -0.49 -13.66
C VAL E 68 5.56 -1.47 -13.40
N THR E 69 6.63 -1.35 -14.18
CA THR E 69 7.82 -2.17 -14.04
C THR E 69 9.04 -1.26 -13.96
N ILE E 70 9.84 -1.44 -12.92
CA ILE E 70 11.08 -0.69 -12.73
C ILE E 70 12.24 -1.62 -13.07
N SER E 71 13.18 -1.13 -13.86
CA SER E 71 14.33 -1.93 -14.27
C SER E 71 15.56 -1.03 -14.33
N ALA E 72 16.71 -1.64 -14.63
CA ALA E 72 17.96 -0.90 -14.68
C ALA E 72 18.96 -1.62 -15.56
N ASP E 73 19.83 -0.84 -16.19
CA ASP E 73 20.94 -1.34 -17.01
C ASP E 73 22.18 -0.67 -16.45
N LYS E 74 22.89 -1.37 -15.57
CA LYS E 74 23.96 -0.71 -14.83
C LYS E 74 25.17 -0.42 -15.70
N SER E 75 25.34 -1.13 -16.82
CA SER E 75 26.43 -0.85 -17.72
C SER E 75 26.32 0.54 -18.34
N ILE E 76 25.13 1.13 -18.31
CA ILE E 76 24.94 2.47 -18.85
C ILE E 76 24.29 3.37 -17.80
N ARG E 77 24.37 2.96 -16.53
CA ARG E 77 24.00 3.80 -15.39
C ARG E 77 22.58 4.33 -15.50
N THR E 78 21.64 3.48 -15.94
CA THR E 78 20.30 3.93 -16.24
C THR E 78 19.26 3.06 -15.55
N ALA E 79 18.25 3.71 -14.98
CA ALA E 79 17.07 3.05 -14.44
C ALA E 79 15.86 3.41 -15.28
N TYR E 80 14.86 2.53 -15.31
CA TYR E 80 13.72 2.69 -16.19
C TYR E 80 12.41 2.53 -15.43
N LEU E 81 11.38 3.18 -15.95
CA LEU E 81 10.01 3.07 -15.47
C LEU E 81 9.14 2.83 -16.69
N GLN E 82 8.32 1.79 -16.65
CA GLN E 82 7.69 1.29 -17.86
C GLN E 82 6.22 0.96 -17.64
N TRP E 83 5.40 1.31 -18.63
CA TRP E 83 4.01 0.90 -18.71
C TRP E 83 3.81 0.04 -19.95
N SER E 84 3.06 -1.05 -19.81
CA SER E 84 2.72 -1.86 -20.96
C SER E 84 1.57 -1.28 -21.77
N SER E 85 0.64 -0.59 -21.12
CA SER E 85 -0.53 -0.03 -21.80
C SER E 85 -0.98 1.19 -21.00
N LEU E 86 -0.63 2.37 -21.50
CA LEU E 86 -0.92 3.61 -20.79
C LEU E 86 -2.42 3.88 -20.71
N LYS E 87 -2.82 4.50 -19.61
CA LYS E 87 -4.17 5.05 -19.44
C LYS E 87 -4.07 6.57 -19.43
N ALA E 88 -5.19 7.22 -19.74
CA ALA E 88 -5.22 8.68 -19.67
C ALA E 88 -4.86 9.18 -18.27
N SER E 89 -5.29 8.45 -17.24
CA SER E 89 -5.01 8.82 -15.85
C SER E 89 -3.54 8.74 -15.49
N ASP E 90 -2.70 8.13 -16.34
CA ASP E 90 -1.27 8.13 -16.09
C ASP E 90 -0.61 9.46 -16.41
N SER E 91 -1.35 10.43 -16.94
CA SER E 91 -0.78 11.73 -17.24
C SER E 91 -0.30 12.38 -15.96
N ALA E 92 0.99 12.68 -15.89
CA ALA E 92 1.61 13.21 -14.68
C ALA E 92 3.07 13.53 -14.95
N MET E 93 3.70 14.15 -13.95
CA MET E 93 5.15 14.29 -13.90
C MET E 93 5.74 13.12 -13.13
N TYR E 94 6.87 12.61 -13.60
CA TYR E 94 7.55 11.50 -12.95
C TYR E 94 8.99 11.88 -12.64
N TYR E 95 9.37 11.69 -11.39
CA TYR E 95 10.74 11.96 -10.95
C TYR E 95 11.43 10.65 -10.58
N CYS E 96 12.73 10.60 -10.82
CA CYS E 96 13.58 9.60 -10.18
C CYS E 96 14.44 10.29 -9.12
N ALA E 97 14.90 9.49 -8.17
CA ALA E 97 15.64 10.01 -7.03
C ALA E 97 16.55 8.91 -6.50
N ARG E 98 17.73 9.31 -6.03
CA ARG E 98 18.64 8.38 -5.38
C ARG E 98 18.31 8.25 -3.89
N SER E 99 18.30 7.02 -3.40
CA SER E 99 18.01 6.75 -2.00
C SER E 99 19.29 6.78 -1.16
N ARG E 100 19.14 7.20 0.09
CA ARG E 100 20.19 7.10 1.08
C ARG E 100 19.64 6.38 2.29
N VAL E 101 20.43 5.47 2.85
CA VAL E 101 19.97 4.61 3.93
C VAL E 101 21.02 4.60 5.02
N GLY E 102 20.57 4.35 6.24
CA GLY E 102 21.44 4.35 7.40
C GLY E 102 20.62 4.46 8.66
N ALA E 103 21.12 5.22 9.63
CA ALA E 103 20.43 5.38 10.90
C ALA E 103 20.95 6.61 11.62
N THR E 104 20.09 7.18 12.47
CA THR E 104 20.44 8.33 13.29
C THR E 104 19.77 8.14 14.65
N GLY E 105 20.57 8.13 15.71
CA GLY E 105 20.04 7.98 17.06
C GLY E 105 19.28 6.69 17.29
N GLY E 106 19.67 5.61 16.61
CA GLY E 106 19.05 4.31 16.79
C GLY E 106 17.81 4.04 15.95
N TYR E 107 17.40 4.99 15.12
CA TYR E 107 16.23 4.83 14.28
C TYR E 107 16.63 4.80 12.82
N TYR E 108 15.86 4.06 12.04
CA TYR E 108 16.20 3.85 10.64
C TYR E 108 16.09 5.16 9.89
N ASP E 109 17.02 5.37 8.95
CA ASP E 109 17.12 6.60 8.17
CA ASP E 109 17.07 6.60 8.17
C ASP E 109 16.97 6.26 6.70
N TYR E 110 15.98 6.86 6.03
CA TYR E 110 15.78 6.69 4.60
C TYR E 110 15.35 8.02 4.03
N TYR E 111 16.12 8.53 3.06
CA TYR E 111 15.77 9.78 2.39
C TYR E 111 16.31 9.74 0.97
N MET E 112 15.93 10.74 0.18
CA MET E 112 16.21 10.82 -1.25
C MET E 112 17.02 12.09 -1.54
N ASP E 113 18.34 11.96 -1.71
CA ASP E 113 19.21 13.14 -1.69
C ASP E 113 19.46 13.77 -3.05
N VAL E 114 19.34 13.01 -4.15
CA VAL E 114 19.53 13.56 -5.48
C VAL E 114 18.32 13.21 -6.33
N TRP E 115 17.79 14.20 -7.04
CA TRP E 115 16.56 14.06 -7.80
C TRP E 115 16.81 14.34 -9.28
N GLY E 116 16.14 13.59 -10.15
CA GLY E 116 16.11 13.95 -11.55
C GLY E 116 15.33 15.24 -11.78
N GLN E 117 15.44 15.77 -13.00
CA GLN E 117 14.73 17.00 -13.30
C GLN E 117 13.25 16.77 -13.60
N GLY E 118 12.82 15.53 -13.75
CA GLY E 118 11.43 15.18 -13.98
C GLY E 118 11.12 14.97 -15.46
N THR E 119 10.13 14.11 -15.72
CA THR E 119 9.67 13.82 -17.07
C THR E 119 8.16 13.97 -17.10
N THR E 120 7.67 14.81 -18.00
CA THR E 120 6.24 14.97 -18.18
C THR E 120 5.71 13.88 -19.10
N VAL E 121 4.65 13.21 -18.66
CA VAL E 121 3.95 12.22 -19.46
C VAL E 121 2.51 12.69 -19.61
N THR E 122 2.08 12.89 -20.85
CA THR E 122 0.73 13.32 -21.17
C THR E 122 0.08 12.26 -22.04
N VAL E 123 -1.01 11.67 -21.55
CA VAL E 123 -1.71 10.58 -22.23
C VAL E 123 -3.10 11.09 -22.57
N SER E 124 -3.39 11.19 -23.86
CA SER E 124 -4.66 11.70 -24.35
C SER E 124 -5.02 10.95 -25.63
N SER E 125 -6.32 10.72 -25.82
CA SER E 125 -6.82 10.14 -27.06
C SER E 125 -7.42 11.18 -27.98
N ALA E 126 -7.29 12.46 -27.64
CA ALA E 126 -7.85 13.52 -28.46
C ALA E 126 -7.09 13.65 -29.78
N SER E 127 -7.81 13.91 -30.85
CA SER E 127 -7.22 14.21 -32.14
C SER E 127 -7.18 15.72 -32.36
N THR E 128 -6.25 16.15 -33.20
CA THR E 128 -6.12 17.57 -33.50
C THR E 128 -7.44 18.14 -34.03
N LYS E 129 -7.88 19.24 -33.42
CA LYS E 129 -9.16 19.86 -33.72
C LYS E 129 -9.02 21.37 -33.60
N GLY E 130 -9.54 22.09 -34.58
CA GLY E 130 -9.53 23.53 -34.55
C GLY E 130 -10.61 24.07 -33.64
N PRO E 131 -10.40 25.27 -33.11
CA PRO E 131 -11.38 25.85 -32.19
C PRO E 131 -12.55 26.51 -32.90
N SER E 132 -13.69 26.54 -32.21
CA SER E 132 -14.77 27.43 -32.55
C SER E 132 -14.61 28.73 -31.77
N VAL E 133 -14.86 29.86 -32.43
CA VAL E 133 -14.61 31.17 -31.85
C VAL E 133 -15.92 31.93 -31.76
N PHE E 134 -16.30 32.33 -30.55
CA PHE E 134 -17.52 33.08 -30.32
C PHE E 134 -17.20 34.43 -29.68
N PRO E 135 -17.92 35.48 -30.07
CA PRO E 135 -17.71 36.79 -29.45
C PRO E 135 -18.36 36.92 -28.08
N LEU E 136 -17.72 37.70 -27.21
CA LEU E 136 -18.20 38.00 -25.87
C LEU E 136 -18.58 39.48 -25.79
N ALA E 137 -19.87 39.78 -25.97
CA ALA E 137 -20.31 41.15 -26.17
C ALA E 137 -20.20 41.97 -24.90
N PRO E 138 -19.90 43.27 -25.02
CA PRO E 138 -19.80 44.13 -23.84
C PRO E 138 -21.16 44.36 -23.17
N SER E 139 -21.12 44.40 -21.85
CA SER E 139 -22.31 44.62 -21.03
C SER E 139 -22.75 46.08 -21.07
N SER E 140 -23.99 46.30 -20.63
CA SER E 140 -24.56 47.64 -20.49
C SER E 140 -24.34 48.22 -19.10
N LYS E 141 -23.80 47.44 -18.17
CA LYS E 141 -23.43 47.94 -16.85
C LYS E 141 -22.05 48.59 -16.93
N SER E 142 -21.99 49.88 -16.62
CA SER E 142 -20.77 50.65 -16.77
C SER E 142 -20.25 51.03 -15.38
N THR E 143 -19.07 50.49 -15.02
CA THR E 143 -18.47 50.74 -13.72
C THR E 143 -17.54 51.95 -13.81
N SER E 144 -17.02 52.35 -12.65
CA SER E 144 -16.05 53.43 -12.52
C SER E 144 -16.54 54.70 -13.22
N GLY E 145 -15.77 55.19 -14.17
CA GLY E 145 -16.22 56.22 -15.07
C GLY E 145 -16.82 55.60 -16.32
N GLY E 146 -16.00 55.46 -17.36
CA GLY E 146 -16.41 54.73 -18.53
C GLY E 146 -15.46 53.59 -18.87
N THR E 147 -15.87 52.36 -18.62
CA THR E 147 -15.08 51.21 -18.99
C THR E 147 -16.00 50.06 -19.37
N ALA E 148 -15.50 49.17 -20.22
CA ALA E 148 -16.27 48.02 -20.67
C ALA E 148 -15.30 46.90 -21.00
N ALA E 149 -15.75 45.67 -20.77
CA ALA E 149 -14.97 44.47 -21.06
C ALA E 149 -15.64 43.68 -22.18
N LEU E 150 -14.89 43.41 -23.25
CA LEU E 150 -15.34 42.54 -24.31
C LEU E 150 -14.24 41.53 -24.61
N GLY E 151 -14.61 40.43 -25.26
CA GLY E 151 -13.63 39.40 -25.52
C GLY E 151 -14.10 38.36 -26.51
N CYS E 152 -13.35 37.25 -26.57
CA CYS E 152 -13.59 36.17 -27.50
C CYS E 152 -13.41 34.84 -26.79
N LEU E 153 -14.34 33.93 -27.00
CA LEU E 153 -14.27 32.58 -26.45
C LEU E 153 -13.69 31.64 -27.50
N VAL E 154 -12.56 31.01 -27.18
CA VAL E 154 -11.87 30.09 -28.08
C VAL E 154 -12.09 28.70 -27.51
N LYS E 155 -12.95 27.91 -28.14
CA LYS E 155 -13.55 26.74 -27.51
C LYS E 155 -13.21 25.46 -28.24
N ASP E 156 -12.85 24.43 -27.47
CA ASP E 156 -12.79 23.03 -27.92
C ASP E 156 -11.76 22.84 -29.03
N TYR E 157 -10.49 23.04 -28.69
CA TYR E 157 -9.39 22.83 -29.61
C TYR E 157 -8.35 21.93 -29.00
N PHE E 158 -7.54 21.30 -29.87
CA PHE E 158 -6.47 20.41 -29.46
C PHE E 158 -5.51 20.26 -30.62
N PRO E 159 -4.19 20.24 -30.37
CA PRO E 159 -3.57 20.50 -29.08
C PRO E 159 -3.24 21.97 -28.85
N GLU E 160 -2.54 22.25 -27.74
CA GLU E 160 -2.00 23.58 -27.48
C GLU E 160 -0.94 23.91 -28.51
N PRO E 161 -0.68 25.21 -28.76
CA PRO E 161 -1.38 26.39 -28.24
C PRO E 161 -2.08 27.14 -29.37
N VAL E 162 -2.82 28.19 -29.01
CA VAL E 162 -3.33 29.13 -30.00
C VAL E 162 -2.76 30.50 -29.69
N THR E 163 -2.74 31.35 -30.71
CA THR E 163 -2.39 32.76 -30.56
C THR E 163 -3.62 33.61 -30.83
N VAL E 164 -3.80 34.65 -30.01
CA VAL E 164 -4.91 35.58 -30.16
C VAL E 164 -4.36 36.99 -30.22
N SER E 165 -4.75 37.73 -31.25
CA SER E 165 -4.50 39.16 -31.33
C SER E 165 -5.81 39.90 -31.52
N TRP E 166 -5.75 41.22 -31.46
CA TRP E 166 -6.91 42.08 -31.63
C TRP E 166 -6.60 43.13 -32.67
N ASN E 167 -7.50 43.27 -33.66
CA ASN E 167 -7.32 44.21 -34.76
C ASN E 167 -5.97 44.02 -35.44
N SER E 168 -5.61 42.76 -35.65
CA SER E 168 -4.36 42.38 -36.35
C SER E 168 -3.13 42.90 -35.61
N GLY E 169 -3.18 42.94 -34.29
CA GLY E 169 -2.09 43.41 -33.48
C GLY E 169 -2.07 44.89 -33.21
N ALA E 170 -2.94 45.67 -33.87
CA ALA E 170 -2.97 47.12 -33.64
C ALA E 170 -3.43 47.46 -32.23
N LEU E 171 -4.21 46.58 -31.60
CA LEU E 171 -4.73 46.79 -30.27
C LEU E 171 -4.07 45.79 -29.32
N THR E 172 -3.29 46.31 -28.37
CA THR E 172 -2.57 45.50 -27.39
C THR E 172 -2.79 45.99 -25.96
N SER E 173 -2.90 47.29 -25.75
CA SER E 173 -3.17 47.82 -24.42
C SER E 173 -4.53 47.35 -23.91
N GLY E 174 -4.53 46.75 -22.72
CA GLY E 174 -5.74 46.25 -22.12
C GLY E 174 -6.12 44.83 -22.52
N VAL E 175 -5.29 44.15 -23.30
CA VAL E 175 -5.59 42.78 -23.72
C VAL E 175 -5.14 41.82 -22.65
N HIS E 176 -6.00 40.86 -22.32
CA HIS E 176 -5.69 39.83 -21.33
C HIS E 176 -6.13 38.49 -21.90
N THR E 177 -5.18 37.70 -22.39
CA THR E 177 -5.44 36.34 -22.84
C THR E 177 -5.18 35.38 -21.68
N PHE E 178 -6.23 34.75 -21.19
CA PHE E 178 -6.13 33.90 -20.02
C PHE E 178 -5.61 32.51 -20.42
N PRO E 179 -4.88 31.85 -19.53
CA PRO E 179 -4.50 30.46 -19.78
C PRO E 179 -5.73 29.58 -19.97
N ALA E 180 -5.57 28.53 -20.76
CA ALA E 180 -6.69 27.68 -21.17
C ALA E 180 -7.05 26.68 -20.07
N VAL E 181 -8.30 26.22 -20.11
CA VAL E 181 -8.76 25.07 -19.32
C VAL E 181 -8.59 23.81 -20.15
N LEU E 182 -8.27 22.71 -19.48
CA LEU E 182 -8.33 21.38 -20.05
C LEU E 182 -9.63 20.74 -19.59
N GLN E 183 -10.57 20.59 -20.52
CA GLN E 183 -11.85 19.99 -20.20
C GLN E 183 -11.71 18.48 -20.10
N SER E 184 -12.66 17.86 -19.38
CA SER E 184 -12.64 16.41 -19.22
C SER E 184 -12.81 15.68 -20.55
N SER E 185 -13.24 16.39 -21.60
CA SER E 185 -13.28 15.82 -22.93
C SER E 185 -11.90 15.70 -23.57
N GLY E 186 -10.87 16.26 -22.94
CA GLY E 186 -9.55 16.29 -23.53
C GLY E 186 -9.26 17.49 -24.40
N LEU E 187 -10.25 18.36 -24.62
CA LEU E 187 -10.08 19.54 -25.47
C LEU E 187 -9.88 20.78 -24.61
N TYR E 188 -9.17 21.75 -25.17
CA TYR E 188 -8.88 23.00 -24.49
C TYR E 188 -9.85 24.10 -24.92
N SER E 189 -10.06 25.06 -24.03
CA SER E 189 -10.80 26.28 -24.32
C SER E 189 -10.13 27.43 -23.58
N LEU E 190 -10.11 28.60 -24.20
CA LEU E 190 -9.53 29.78 -23.55
C LEU E 190 -10.31 31.01 -23.96
N SER E 191 -10.08 32.10 -23.22
CA SER E 191 -10.69 33.37 -23.51
C SER E 191 -9.64 34.47 -23.50
N SER E 192 -9.84 35.46 -24.38
CA SER E 192 -9.03 36.66 -24.44
C SER E 192 -9.96 37.86 -24.38
N VAL E 193 -9.69 38.79 -23.46
CA VAL E 193 -10.54 39.95 -23.27
C VAL E 193 -9.70 41.22 -23.35
N VAL E 194 -10.29 42.26 -23.93
CA VAL E 194 -9.71 43.60 -23.93
C VAL E 194 -10.71 44.55 -23.30
N THR E 195 -10.24 45.37 -22.36
CA THR E 195 -11.08 46.32 -21.65
C THR E 195 -10.91 47.70 -22.26
N VAL E 196 -12.01 48.29 -22.71
CA VAL E 196 -11.99 49.56 -23.44
C VAL E 196 -12.92 50.54 -22.73
N PRO E 197 -12.79 51.84 -23.02
CA PRO E 197 -13.76 52.80 -22.52
C PRO E 197 -15.14 52.57 -23.13
N SER E 198 -16.17 52.74 -22.30
CA SER E 198 -17.54 52.50 -22.75
C SER E 198 -17.94 53.44 -23.88
N SER E 199 -17.31 54.61 -23.97
CA SER E 199 -17.69 55.59 -24.98
C SER E 199 -17.26 55.20 -26.38
N SER E 200 -16.40 54.19 -26.53
CA SER E 200 -15.92 53.77 -27.84
C SER E 200 -16.68 52.58 -28.41
N LEU E 201 -17.64 52.04 -27.66
CA LEU E 201 -18.36 50.85 -28.10
C LEU E 201 -19.14 51.06 -29.38
N GLY E 202 -19.45 52.31 -29.73
CA GLY E 202 -20.20 52.57 -30.94
C GLY E 202 -19.34 53.03 -32.10
N THR E 203 -18.16 53.57 -31.81
CA THR E 203 -17.31 54.18 -32.83
C THR E 203 -16.10 53.34 -33.21
N GLN E 204 -15.73 52.34 -32.42
CA GLN E 204 -14.53 51.55 -32.66
C GLN E 204 -14.90 50.10 -32.89
N THR E 205 -14.32 49.49 -33.93
CA THR E 205 -14.54 48.09 -34.25
C THR E 205 -13.48 47.22 -33.58
N TYR E 206 -13.89 46.05 -33.10
CA TYR E 206 -13.01 45.12 -32.41
C TYR E 206 -13.10 43.75 -33.04
N ILE E 207 -11.96 43.22 -33.49
CA ILE E 207 -11.88 41.91 -34.14
C ILE E 207 -10.74 41.13 -33.50
N CYS E 208 -11.04 39.94 -33.00
CA CYS E 208 -10.00 39.07 -32.45
C CYS E 208 -9.54 38.09 -33.52
N ASN E 209 -8.23 37.94 -33.64
CA ASN E 209 -7.61 37.07 -34.64
C ASN E 209 -7.06 35.85 -33.94
N VAL E 210 -7.68 34.70 -34.19
CA VAL E 210 -7.31 33.44 -33.54
C VAL E 210 -6.59 32.57 -34.55
N ASN E 211 -5.43 32.03 -34.15
CA ASN E 211 -4.63 31.17 -34.99
C ASN E 211 -4.33 29.88 -34.23
N HIS E 212 -4.63 28.74 -34.86
CA HIS E 212 -4.34 27.43 -34.28
C HIS E 212 -3.51 26.67 -35.33
N LYS E 213 -2.20 26.77 -35.20
CA LYS E 213 -1.30 26.23 -36.23
C LYS E 213 -1.47 24.73 -36.47
N PRO E 214 -1.61 23.87 -35.46
CA PRO E 214 -1.76 22.43 -35.75
C PRO E 214 -2.95 22.10 -36.64
N SER E 215 -3.99 22.93 -36.65
CA SER E 215 -5.14 22.71 -37.52
C SER E 215 -5.19 23.67 -38.70
N ASN E 216 -4.18 24.54 -38.86
CA ASN E 216 -4.16 25.56 -39.90
C ASN E 216 -5.42 26.41 -39.86
N THR E 217 -5.90 26.69 -38.65
CA THR E 217 -7.12 27.46 -38.46
C THR E 217 -6.78 28.94 -38.32
N LYS E 218 -7.53 29.78 -39.02
CA LYS E 218 -7.36 31.24 -38.96
C LYS E 218 -8.75 31.85 -38.96
N VAL E 219 -9.16 32.39 -37.82
CA VAL E 219 -10.50 32.93 -37.64
C VAL E 219 -10.38 34.38 -37.17
N ASP E 220 -11.15 35.27 -37.79
CA ASP E 220 -11.26 36.66 -37.39
C ASP E 220 -12.72 36.93 -37.03
N LYS E 221 -12.98 37.24 -35.76
CA LYS E 221 -14.34 37.36 -35.24
C LYS E 221 -14.58 38.78 -34.74
N LYS E 222 -15.56 39.46 -35.32
CA LYS E 222 -15.94 40.79 -34.87
C LYS E 222 -16.82 40.71 -33.63
N VAL E 223 -16.54 41.58 -32.66
CA VAL E 223 -17.28 41.63 -31.40
C VAL E 223 -18.03 42.95 -31.34
N GLU E 224 -19.36 42.88 -31.28
CA GLU E 224 -20.15 44.09 -31.35
C GLU E 224 -20.98 44.30 -30.08
N PRO E 225 -21.28 45.56 -29.76
CA PRO E 225 -22.06 45.87 -28.55
C PRO E 225 -23.48 45.35 -28.61
N LYS E 226 -24.11 45.35 -27.45
CA LYS E 226 -25.49 44.88 -27.30
C LYS E 226 -26.46 45.86 -27.94
N SER E 227 -27.64 45.34 -28.30
CA SER E 227 -28.69 46.12 -28.93
C SER E 227 -29.99 46.04 -28.14
N CYS E 228 -29.88 45.93 -26.82
CA CYS E 228 -31.04 45.77 -25.95
C CYS E 228 -31.19 46.94 -24.99
N SER F 2 -2.00 4.98 7.27
CA SER F 2 -0.69 5.61 7.47
C SER F 2 -0.49 6.75 6.49
N VAL F 3 -0.93 7.93 6.90
CA VAL F 3 -0.81 9.17 6.13
C VAL F 3 -0.05 10.18 6.98
N LEU F 4 0.87 10.91 6.35
CA LEU F 4 1.56 12.00 7.02
C LEU F 4 0.77 13.28 6.76
N THR F 5 0.11 13.79 7.80
CA THR F 5 -0.77 14.94 7.63
C THR F 5 0.00 16.23 7.85
N GLN F 6 -0.14 17.16 6.91
CA GLN F 6 0.44 18.49 6.92
C GLN F 6 -0.67 19.49 6.68
N PRO F 7 -0.55 20.69 7.23
CA PRO F 7 -1.52 21.74 6.91
C PRO F 7 -1.48 22.06 5.44
N PRO F 8 -2.63 22.28 4.80
CA PRO F 8 -2.63 22.58 3.36
C PRO F 8 -1.85 23.83 3.00
N SER F 9 -1.85 24.84 3.86
CA SER F 9 -1.27 26.12 3.50
CA SER F 9 -1.24 26.11 3.50
C SER F 9 -0.65 26.77 4.73
N ALA F 10 0.28 27.68 4.49
CA ALA F 10 0.88 28.51 5.51
C ALA F 10 1.37 29.77 4.83
N SER F 11 1.50 30.84 5.61
CA SER F 11 1.90 32.10 5.02
C SER F 11 2.54 32.99 6.06
N GLY F 12 3.35 33.93 5.59
CA GLY F 12 3.92 34.96 6.44
C GLY F 12 4.50 36.06 5.58
N THR F 13 4.70 37.22 6.21
CA THR F 13 5.38 38.30 5.52
C THR F 13 6.89 38.06 5.55
N PRO F 14 7.66 38.73 4.68
CA PRO F 14 9.11 38.54 4.70
C PRO F 14 9.71 38.91 6.05
N GLY F 15 10.62 38.06 6.53
CA GLY F 15 11.22 38.21 7.82
C GLY F 15 10.54 37.44 8.94
N GLN F 16 9.28 37.06 8.77
CA GLN F 16 8.57 36.33 9.81
C GLN F 16 9.04 34.89 9.87
N ARG F 17 8.62 34.19 10.94
CA ARG F 17 8.90 32.78 11.14
C ARG F 17 7.63 31.98 10.92
N VAL F 18 7.71 30.93 10.10
CA VAL F 18 6.58 30.06 9.84
C VAL F 18 6.93 28.64 10.25
N THR F 19 5.92 27.92 10.74
CA THR F 19 6.06 26.56 11.23
C THR F 19 5.14 25.64 10.44
N ILE F 20 5.65 24.48 10.06
CA ILE F 20 4.91 23.50 9.28
C ILE F 20 4.94 22.18 10.04
N SER F 21 3.78 21.72 10.49
CA SER F 21 3.68 20.48 11.23
C SER F 21 3.58 19.28 10.29
N CYS F 22 4.04 18.14 10.78
CA CYS F 22 3.97 16.86 10.07
C CYS F 22 3.52 15.82 11.08
N SER F 23 2.29 15.32 10.94
CA SER F 23 1.69 14.42 11.90
C SER F 23 1.60 13.01 11.30
N GLY F 24 2.18 12.03 12.00
CA GLY F 24 2.25 10.66 11.52
C GLY F 24 1.74 9.70 12.58
N SER F 25 2.25 8.46 12.51
CA SER F 25 1.80 7.41 13.40
C SER F 25 2.98 6.57 13.83
N SER F 26 2.70 5.55 14.64
CA SER F 26 3.76 4.66 15.13
C SER F 26 4.49 3.99 13.98
N SER F 27 3.79 3.73 12.88
CA SER F 27 4.37 2.97 11.78
C SER F 27 5.34 3.78 10.93
N ASN F 28 5.29 5.11 10.98
CA ASN F 28 6.26 5.90 10.24
C ASN F 28 7.17 6.71 11.18
N LEU F 29 6.77 7.94 11.53
CA LEU F 29 7.66 8.79 12.34
C LEU F 29 8.00 8.17 13.69
N GLY F 30 7.12 7.31 14.21
CA GLY F 30 7.38 6.68 15.49
C GLY F 30 8.70 5.92 15.53
N GLY F 31 9.02 5.22 14.44
CA GLY F 31 10.22 4.40 14.42
C GLY F 31 11.21 4.73 13.32
N ASN F 32 10.95 5.79 12.55
CA ASN F 32 11.78 6.17 11.43
C ASN F 32 12.00 7.68 11.47
N THR F 33 13.14 8.13 10.96
CA THR F 33 13.40 9.56 11.00
C THR F 33 12.74 10.27 9.82
N VAL F 34 12.49 11.55 10.02
CA VAL F 34 11.76 12.35 9.05
C VAL F 34 12.75 13.10 8.16
N ASN F 35 12.31 13.40 6.95
CA ASN F 35 13.05 14.24 6.03
C ASN F 35 12.08 15.22 5.38
N TRP F 36 12.60 16.33 4.87
CA TRP F 36 11.78 17.36 4.25
C TRP F 36 12.29 17.66 2.85
N TYR F 37 11.35 17.94 1.95
CA TYR F 37 11.64 18.27 0.56
C TYR F 37 10.98 19.59 0.20
N GLN F 38 11.70 20.40 -0.58
CA GLN F 38 11.24 21.71 -1.02
C GLN F 38 11.06 21.68 -2.53
N GLN F 39 9.89 22.07 -3.00
CA GLN F 39 9.63 22.11 -4.45
C GLN F 39 9.18 23.51 -4.83
N LEU F 40 10.11 24.28 -5.38
CA LEU F 40 9.76 25.57 -5.95
C LEU F 40 8.86 25.37 -7.18
N PRO F 41 7.98 26.33 -7.47
CA PRO F 41 7.05 26.17 -8.60
C PRO F 41 7.80 25.92 -9.90
N GLY F 42 7.34 24.92 -10.65
CA GLY F 42 7.94 24.58 -11.93
C GLY F 42 9.26 23.84 -11.84
N THR F 43 9.69 23.44 -10.65
CA THR F 43 10.97 22.77 -10.48
C THR F 43 10.77 21.41 -9.82
N ALA F 44 11.83 20.61 -9.85
CA ALA F 44 11.85 19.31 -9.19
C ALA F 44 11.98 19.48 -7.68
N PRO F 45 11.49 18.52 -6.91
CA PRO F 45 11.77 18.53 -5.46
C PRO F 45 13.26 18.47 -5.19
N LYS F 46 13.66 19.04 -4.07
CA LYS F 46 15.03 18.93 -3.60
C LYS F 46 15.01 18.60 -2.12
N LEU F 47 16.05 17.87 -1.69
CA LEU F 47 16.20 17.56 -0.27
C LEU F 47 16.42 18.83 0.52
N LEU F 48 15.61 19.05 1.55
CA LEU F 48 15.74 20.24 2.40
C LEU F 48 16.26 19.92 3.79
N ILE F 49 15.71 18.90 4.44
CA ILE F 49 16.16 18.43 5.74
C ILE F 49 16.23 16.91 5.68
N TYR F 50 17.32 16.33 6.18
CA TYR F 50 17.43 14.88 6.32
C TYR F 50 17.83 14.54 7.75
N SER F 51 17.42 13.35 8.19
CA SER F 51 17.74 12.85 9.53
C SER F 51 17.26 13.83 10.61
N ASN F 52 15.98 14.19 10.52
CA ASN F 52 15.28 15.03 11.49
C ASN F 52 15.69 16.50 11.41
N ASN F 53 17.01 16.79 11.42
CA ASN F 53 17.46 18.16 11.61
C ASN F 53 18.76 18.53 10.88
N GLN F 54 19.19 17.75 9.90
CA GLN F 54 20.41 18.02 9.15
C GLN F 54 20.10 18.75 7.84
N ARG F 55 21.00 19.67 7.45
CA ARG F 55 20.80 20.43 6.23
C ARG F 55 21.81 19.98 5.17
N PRO F 56 21.37 19.67 3.96
CA PRO F 56 22.33 19.42 2.87
C PRO F 56 23.13 20.68 2.58
N SER F 57 24.22 20.50 1.84
CA SER F 57 24.95 21.66 1.36
C SER F 57 24.04 22.50 0.46
N GLY F 58 24.09 23.82 0.64
CA GLY F 58 23.26 24.70 -0.15
C GLY F 58 21.88 25.00 0.42
N VAL F 59 21.57 24.48 1.59
CA VAL F 59 20.34 24.82 2.30
C VAL F 59 20.69 25.75 3.46
N PRO F 60 20.22 26.99 3.46
CA PRO F 60 20.66 27.96 4.47
C PRO F 60 20.15 27.62 5.87
N ASP F 61 20.78 28.26 6.87
CA ASP F 61 20.44 27.96 8.25
C ASP F 61 19.09 28.50 8.69
N ARG F 62 18.35 29.20 7.83
CA ARG F 62 17.00 29.63 8.17
C ARG F 62 16.03 28.46 8.29
N PHE F 63 16.35 27.32 7.68
CA PHE F 63 15.53 26.12 7.75
C PHE F 63 16.05 25.23 8.87
N SER F 64 15.15 24.81 9.77
CA SER F 64 15.49 23.88 10.84
C SER F 64 14.36 22.88 11.04
N GLY F 65 14.72 21.63 11.26
CA GLY F 65 13.71 20.61 11.51
C GLY F 65 13.73 20.10 12.93
N SER F 66 12.62 19.51 13.38
CA SER F 66 12.58 18.86 14.66
C SER F 66 11.60 17.69 14.58
N LYS F 67 11.81 16.70 15.44
CA LYS F 67 10.97 15.51 15.49
C LYS F 67 10.77 15.13 16.94
N SER F 68 9.52 14.82 17.30
CA SER F 68 9.17 14.43 18.66
C SER F 68 8.09 13.36 18.57
N GLY F 69 8.45 12.12 18.89
CA GLY F 69 7.49 11.03 18.86
C GLY F 69 6.99 10.81 17.45
N THR F 70 5.67 10.93 17.26
CA THR F 70 5.05 10.72 15.96
C THR F 70 4.80 12.02 15.22
N SER F 71 5.39 13.11 15.66
CA SER F 71 5.21 14.42 15.05
C SER F 71 6.56 15.02 14.67
N ALA F 72 6.54 15.89 13.67
CA ALA F 72 7.73 16.58 13.21
C ALA F 72 7.34 17.99 12.78
N SER F 73 8.33 18.88 12.74
CA SER F 73 8.03 20.27 12.44
C SER F 73 9.20 20.86 11.65
N LEU F 74 8.85 21.67 10.65
CA LEU F 74 9.81 22.45 9.89
C LEU F 74 9.61 23.91 10.24
N ALA F 75 10.70 24.60 10.57
CA ALA F 75 10.66 26.03 10.87
C ALA F 75 11.47 26.78 9.82
N ILE F 76 10.88 27.83 9.27
CA ILE F 76 11.54 28.73 8.35
C ILE F 76 11.63 30.09 9.03
N SER F 77 12.84 30.49 9.42
CA SER F 77 13.04 31.78 10.04
C SER F 77 13.41 32.81 8.97
N GLY F 78 13.05 34.06 9.24
CA GLY F 78 13.31 35.14 8.30
C GLY F 78 12.89 34.82 6.87
N LEU F 79 11.59 34.63 6.68
CA LEU F 79 11.04 34.27 5.37
C LEU F 79 11.58 35.16 4.26
N GLN F 80 12.04 34.53 3.19
CA GLN F 80 12.47 35.23 1.98
C GLN F 80 11.55 34.84 0.84
N SER F 81 11.54 35.69 -0.20
CA SER F 81 10.61 35.48 -1.31
C SER F 81 10.83 34.14 -1.99
N GLU F 82 12.09 33.72 -2.13
CA GLU F 82 12.36 32.43 -2.79
C GLU F 82 11.94 31.23 -1.95
N ASP F 83 11.49 31.43 -0.71
CA ASP F 83 10.99 30.33 0.08
C ASP F 83 9.57 29.93 -0.28
N GLU F 84 8.89 30.70 -1.14
CA GLU F 84 7.55 30.35 -1.59
C GLU F 84 7.60 29.07 -2.42
N ALA F 85 7.05 27.99 -1.87
CA ALA F 85 7.18 26.67 -2.49
C ALA F 85 6.24 25.72 -1.76
N ASP F 86 6.13 24.51 -2.31
CA ASP F 86 5.47 23.40 -1.63
C ASP F 86 6.51 22.65 -0.81
N TYR F 87 6.10 22.20 0.37
CA TYR F 87 6.98 21.48 1.28
C TYR F 87 6.35 20.14 1.62
N TYR F 88 7.15 19.07 1.56
CA TYR F 88 6.69 17.74 1.89
C TYR F 88 7.60 17.13 2.94
N CYS F 89 7.01 16.64 4.03
CA CYS F 89 7.75 15.74 4.87
C CYS F 89 7.61 14.32 4.33
N ALA F 90 8.46 13.43 4.82
CA ALA F 90 8.47 12.05 4.32
C ALA F 90 9.27 11.21 5.29
N ALA F 91 8.93 9.92 5.34
CA ALA F 91 9.64 8.97 6.18
C ALA F 91 9.30 7.58 5.71
N TRP F 92 10.14 6.63 6.11
CA TRP F 92 9.85 5.22 5.92
C TRP F 92 8.66 4.82 6.77
N ASP F 93 7.77 4.01 6.21
CA ASP F 93 6.59 3.53 6.91
C ASP F 93 6.64 2.01 6.97
N ASP F 94 6.55 1.45 8.18
CA ASP F 94 6.69 0.01 8.35
C ASP F 94 5.43 -0.75 7.97
N SER F 95 4.28 -0.09 7.92
CA SER F 95 3.06 -0.76 7.49
C SER F 95 3.04 -0.96 5.98
N LEU F 96 3.53 0.01 5.22
CA LEU F 96 3.57 -0.10 3.78
C LEU F 96 4.90 -0.63 3.28
N ASN F 97 5.92 -0.68 4.14
CA ASN F 97 7.24 -1.18 3.80
C ASN F 97 7.87 -0.35 2.69
N GLY F 98 7.75 0.98 2.82
CA GLY F 98 8.31 1.91 1.89
C GLY F 98 8.19 3.33 2.40
N PRO F 99 8.85 4.27 1.74
CA PRO F 99 8.69 5.68 2.09
C PRO F 99 7.30 6.18 1.76
N VAL F 100 6.83 7.17 2.53
CA VAL F 100 5.58 7.87 2.26
C VAL F 100 5.80 9.36 2.41
N PHE F 101 5.21 10.13 1.50
CA PHE F 101 5.30 11.59 1.54
C PHE F 101 4.10 12.16 2.26
N GLY F 102 4.32 13.27 2.98
CA GLY F 102 3.21 14.00 3.57
C GLY F 102 2.32 14.65 2.53
N THR F 103 1.18 15.14 3.00
CA THR F 103 0.19 15.71 2.07
C THR F 103 0.63 17.05 1.49
N GLY F 104 1.70 17.64 1.99
CA GLY F 104 2.26 18.84 1.39
C GLY F 104 1.67 20.11 1.96
N THR F 105 2.51 21.13 2.04
CA THR F 105 2.13 22.46 2.53
C THR F 105 2.63 23.51 1.55
N LYS F 106 1.71 24.31 1.00
CA LYS F 106 2.08 25.40 0.12
C LYS F 106 2.32 26.64 0.98
N VAL F 107 3.55 27.16 0.93
CA VAL F 107 3.92 28.35 1.68
C VAL F 107 3.91 29.54 0.73
N THR F 108 3.23 30.61 1.14
CA THR F 108 3.17 31.84 0.36
C THR F 108 3.85 32.96 1.14
N VAL F 109 4.78 33.67 0.50
CA VAL F 109 5.47 34.80 1.08
C VAL F 109 4.76 36.06 0.62
N LEU F 110 3.85 36.56 1.45
CA LEU F 110 3.09 37.77 1.15
C LEU F 110 4.03 38.93 0.81
N GLY F 111 4.16 39.23 -0.47
CA GLY F 111 5.08 40.27 -0.89
C GLY F 111 4.43 41.62 -1.14
N GLN F 112 3.11 41.65 -1.14
CA GLN F 112 2.37 42.87 -1.47
C GLN F 112 1.04 42.84 -0.74
N PRO F 113 0.35 43.98 -0.63
CA PRO F 113 -0.89 44.02 0.15
C PRO F 113 -1.99 43.17 -0.47
N LYS F 114 -2.98 42.86 0.36
CA LYS F 114 -4.12 42.07 -0.07
C LYS F 114 -4.89 42.80 -1.17
N ALA F 115 -5.20 42.08 -2.25
CA ALA F 115 -5.97 42.62 -3.36
C ALA F 115 -7.19 41.75 -3.59
N ASN F 116 -8.37 42.35 -3.53
CA ASN F 116 -9.60 41.63 -3.81
C ASN F 116 -9.78 41.45 -5.31
N PRO F 117 -10.40 40.35 -5.73
CA PRO F 117 -10.54 40.07 -7.17
C PRO F 117 -11.64 40.89 -7.83
N THR F 118 -11.39 41.23 -9.09
CA THR F 118 -12.42 41.77 -9.96
C THR F 118 -13.03 40.62 -10.76
N VAL F 119 -14.35 40.53 -10.74
CA VAL F 119 -15.07 39.41 -11.34
C VAL F 119 -15.89 39.92 -12.51
N THR F 120 -15.64 39.36 -13.69
CA THR F 120 -16.39 39.66 -14.90
C THR F 120 -17.09 38.38 -15.36
N LEU F 121 -18.41 38.43 -15.48
CA LEU F 121 -19.21 37.26 -15.84
C LEU F 121 -19.91 37.53 -17.15
N PHE F 122 -19.71 36.64 -18.14
CA PHE F 122 -20.35 36.75 -19.44
C PHE F 122 -21.38 35.65 -19.64
N PRO F 123 -22.53 35.96 -20.24
CA PRO F 123 -23.50 34.91 -20.57
C PRO F 123 -23.15 34.24 -21.88
N PRO F 124 -23.83 33.15 -22.24
CA PRO F 124 -23.57 32.53 -23.55
C PRO F 124 -23.88 33.50 -24.67
N SER F 125 -22.97 33.58 -25.64
CA SER F 125 -23.21 34.43 -26.79
C SER F 125 -24.39 33.91 -27.62
N SER F 126 -25.01 34.81 -28.36
CA SER F 126 -26.08 34.41 -29.26
C SER F 126 -25.56 33.48 -30.35
N GLU F 127 -24.32 33.68 -30.77
CA GLU F 127 -23.75 32.86 -31.83
C GLU F 127 -23.43 31.45 -31.33
N GLU F 128 -23.07 31.31 -30.05
CA GLU F 128 -22.92 29.97 -29.48
C GLU F 128 -24.27 29.28 -29.33
N LEU F 129 -25.30 30.02 -28.91
CA LEU F 129 -26.63 29.42 -28.73
C LEU F 129 -27.17 28.86 -30.04
N GLN F 130 -27.01 29.60 -31.14
CA GLN F 130 -27.45 29.09 -32.43
C GLN F 130 -26.64 27.87 -32.87
N ALA F 131 -25.47 27.65 -32.28
CA ALA F 131 -24.69 26.44 -32.50
C ALA F 131 -25.08 25.32 -31.54
N ASN F 132 -26.15 25.53 -30.75
CA ASN F 132 -26.70 24.51 -29.84
C ASN F 132 -25.73 24.19 -28.71
N LYS F 133 -25.02 25.20 -28.22
CA LYS F 133 -24.13 25.07 -27.08
C LYS F 133 -24.32 26.28 -26.18
N ALA F 134 -23.79 26.19 -24.96
CA ALA F 134 -23.93 27.30 -24.01
C ALA F 134 -22.79 27.23 -23.01
N THR F 135 -22.04 28.33 -22.89
CA THR F 135 -20.93 28.43 -21.95
C THR F 135 -21.03 29.75 -21.19
N LEU F 136 -21.05 29.68 -19.86
CA LEU F 136 -20.89 30.85 -19.02
C LEU F 136 -19.41 31.03 -18.70
N VAL F 137 -18.93 32.27 -18.82
CA VAL F 137 -17.50 32.57 -18.70
C VAL F 137 -17.31 33.54 -17.54
N CYS F 138 -16.63 33.08 -16.48
CA CYS F 138 -16.37 33.88 -15.30
C CYS F 138 -14.88 34.14 -15.18
N LEU F 139 -14.49 35.40 -15.37
CA LEU F 139 -13.09 35.81 -15.39
C LEU F 139 -12.75 36.56 -14.12
N ILE F 140 -11.66 36.14 -13.46
CA ILE F 140 -11.28 36.61 -12.15
C ILE F 140 -9.84 37.09 -12.22
N SER F 141 -9.60 38.34 -11.85
CA SER F 141 -8.28 38.93 -12.01
C SER F 141 -7.98 39.88 -10.87
N ASP F 142 -6.71 40.27 -10.76
CA ASP F 142 -6.25 41.31 -9.85
C ASP F 142 -6.42 40.95 -8.38
N PHE F 143 -6.29 39.68 -8.03
CA PHE F 143 -6.40 39.27 -6.63
C PHE F 143 -5.05 38.82 -6.10
N TYR F 144 -4.85 39.04 -4.80
CA TYR F 144 -3.63 38.66 -4.13
C TYR F 144 -3.97 38.41 -2.68
N PRO F 145 -3.47 37.33 -2.07
CA PRO F 145 -2.61 36.31 -2.69
C PRO F 145 -3.35 35.44 -3.71
N GLY F 146 -2.62 34.54 -4.37
CA GLY F 146 -3.16 33.81 -5.50
C GLY F 146 -4.00 32.60 -5.17
N ALA F 147 -5.05 32.78 -4.38
CA ALA F 147 -5.93 31.68 -3.99
C ALA F 147 -7.37 32.15 -4.06
N VAL F 148 -8.18 31.46 -4.86
CA VAL F 148 -9.62 31.71 -4.93
C VAL F 148 -10.34 30.38 -5.03
N THR F 149 -11.60 30.39 -4.62
CA THR F 149 -12.52 29.28 -4.86
C THR F 149 -13.74 29.84 -5.58
N VAL F 150 -14.30 29.01 -6.47
CA VAL F 150 -15.41 29.42 -7.31
C VAL F 150 -16.57 28.47 -7.09
N ALA F 151 -17.75 29.04 -6.83
CA ALA F 151 -18.98 28.28 -6.70
C ALA F 151 -19.99 28.84 -7.70
N TRP F 152 -20.66 27.95 -8.43
CA TRP F 152 -21.66 28.33 -9.41
C TRP F 152 -23.06 28.09 -8.87
N LYS F 153 -24.02 28.89 -9.36
CA LYS F 153 -25.39 28.85 -8.85
C LYS F 153 -26.38 28.94 -10.00
N ALA F 154 -27.37 28.04 -10.00
CA ALA F 154 -28.52 28.14 -10.88
C ALA F 154 -29.66 28.72 -10.07
N ASP F 155 -30.14 29.91 -10.47
CA ASP F 155 -31.04 30.70 -9.64
C ASP F 155 -30.39 30.96 -8.28
N SER F 156 -30.62 30.06 -7.33
CA SER F 156 -29.95 30.12 -6.04
C SER F 156 -29.52 28.74 -5.55
N SER F 157 -29.46 27.75 -6.45
CA SER F 157 -29.07 26.39 -6.12
C SER F 157 -27.67 26.11 -6.65
N PRO F 158 -26.87 25.33 -5.94
CA PRO F 158 -25.50 25.08 -6.39
C PRO F 158 -25.45 24.23 -7.66
N VAL F 159 -24.41 24.47 -8.46
CA VAL F 159 -24.16 23.72 -9.69
C VAL F 159 -22.74 23.19 -9.64
N LYS F 160 -22.58 21.92 -10.00
CA LYS F 160 -21.28 21.26 -9.98
C LYS F 160 -20.90 20.68 -11.32
N ALA F 161 -21.86 20.08 -12.03
CA ALA F 161 -21.57 19.51 -13.34
C ALA F 161 -21.28 20.60 -14.36
N GLY F 162 -20.28 20.35 -15.20
CA GLY F 162 -19.93 21.27 -16.27
C GLY F 162 -19.08 22.46 -15.86
N VAL F 163 -18.45 22.41 -14.69
CA VAL F 163 -17.59 23.50 -14.22
C VAL F 163 -16.14 23.11 -14.50
N GLU F 164 -15.40 24.03 -15.11
CA GLU F 164 -13.97 23.87 -15.35
C GLU F 164 -13.29 25.13 -14.84
N THR F 165 -12.34 24.98 -13.92
CA THR F 165 -11.68 26.11 -13.28
C THR F 165 -10.18 25.95 -13.41
N THR F 166 -9.50 27.01 -13.83
CA THR F 166 -8.05 27.00 -13.94
C THR F 166 -7.40 27.12 -12.57
N THR F 167 -6.12 26.75 -12.53
CA THR F 167 -5.29 27.14 -11.40
C THR F 167 -4.97 28.63 -11.53
N PRO F 168 -4.80 29.33 -10.40
CA PRO F 168 -4.41 30.74 -10.48
C PRO F 168 -3.04 30.89 -11.11
N SER F 169 -2.89 31.96 -11.90
CA SER F 169 -1.62 32.30 -12.52
C SER F 169 -1.28 33.74 -12.21
N LYS F 170 -0.03 33.99 -11.86
CA LYS F 170 0.43 35.35 -11.56
C LYS F 170 0.46 36.18 -12.84
N GLN F 171 -0.14 37.36 -12.79
CA GLN F 171 -0.18 38.27 -13.93
C GLN F 171 0.96 39.29 -13.83
N SER F 172 0.93 40.29 -14.71
CA SER F 172 2.06 41.21 -14.85
C SER F 172 2.34 41.93 -13.54
N ASN F 173 1.34 42.61 -12.97
CA ASN F 173 1.49 43.41 -11.74
C ASN F 173 1.70 42.54 -10.47
N ASN F 174 1.99 41.25 -10.64
CA ASN F 174 2.24 40.27 -9.59
C ASN F 174 0.99 39.90 -8.80
N LYS F 175 -0.18 40.42 -9.17
CA LYS F 175 -1.44 39.87 -8.69
C LYS F 175 -1.73 38.60 -9.48
N TYR F 176 -2.92 38.03 -9.31
CA TYR F 176 -3.23 36.75 -9.93
C TYR F 176 -4.52 36.86 -10.73
N ALA F 177 -4.66 35.92 -11.67
CA ALA F 177 -5.84 35.81 -12.51
C ALA F 177 -6.24 34.34 -12.63
N ALA F 178 -7.52 34.11 -12.86
CA ALA F 178 -8.03 32.76 -13.10
C ALA F 178 -9.33 32.88 -13.87
N SER F 179 -9.79 31.76 -14.43
CA SER F 179 -11.05 31.74 -15.16
C SER F 179 -11.78 30.42 -14.90
N SER F 180 -13.11 30.52 -14.88
CA SER F 180 -13.99 29.38 -14.62
C SER F 180 -15.08 29.35 -15.68
N TYR F 181 -15.35 28.16 -16.22
CA TYR F 181 -16.28 27.98 -17.32
C TYR F 181 -17.38 27.02 -16.89
N LEU F 182 -18.63 27.39 -17.16
CA LEU F 182 -19.78 26.52 -16.92
C LEU F 182 -20.41 26.15 -18.25
N SER F 183 -20.42 24.86 -18.56
CA SER F 183 -21.02 24.35 -19.79
C SER F 183 -22.45 23.91 -19.52
N LEU F 184 -23.38 24.39 -20.34
CA LEU F 184 -24.79 24.06 -20.22
C LEU F 184 -25.36 23.75 -21.60
N THR F 185 -26.49 23.07 -21.60
CA THR F 185 -27.31 23.00 -22.79
C THR F 185 -28.16 24.26 -22.89
N PRO F 186 -28.53 24.67 -24.11
CA PRO F 186 -29.42 25.84 -24.24
C PRO F 186 -30.69 25.73 -23.43
N GLU F 187 -31.26 24.53 -23.30
CA GLU F 187 -32.48 24.36 -22.52
C GLU F 187 -32.27 24.68 -21.05
N GLN F 188 -31.16 24.21 -20.46
CA GLN F 188 -30.88 24.52 -19.07
C GLN F 188 -30.73 26.03 -18.85
N TRP F 189 -30.01 26.70 -19.76
CA TRP F 189 -29.82 28.14 -19.63
C TRP F 189 -31.15 28.87 -19.73
N LYS F 190 -32.03 28.42 -20.62
CA LYS F 190 -33.31 29.08 -20.83
C LYS F 190 -34.38 28.64 -19.83
N SER F 191 -34.12 27.58 -19.05
CA SER F 191 -35.09 27.15 -18.04
C SER F 191 -35.02 28.02 -16.80
N HIS F 192 -33.81 28.27 -16.30
CA HIS F 192 -33.64 29.07 -15.10
C HIS F 192 -33.75 30.56 -15.40
N ARG F 193 -34.01 31.35 -14.36
CA ARG F 193 -34.12 32.80 -14.49
C ARG F 193 -32.78 33.52 -14.38
N SER F 194 -31.77 32.90 -13.77
CA SER F 194 -30.47 33.53 -13.61
C SER F 194 -29.44 32.50 -13.21
N TYR F 195 -28.18 32.79 -13.55
CA TYR F 195 -27.04 32.03 -13.07
C TYR F 195 -26.04 32.98 -12.42
N SER F 196 -25.32 32.47 -11.43
CA SER F 196 -24.40 33.28 -10.66
C SER F 196 -23.02 32.63 -10.60
N CYS F 197 -21.99 33.46 -10.58
CA CYS F 197 -20.62 33.05 -10.34
C CYS F 197 -20.14 33.68 -9.05
N GLN F 198 -19.85 32.85 -8.06
CA GLN F 198 -19.49 33.31 -6.72
C GLN F 198 -18.02 33.01 -6.47
N VAL F 199 -17.22 34.06 -6.29
CA VAL F 199 -15.79 33.95 -6.06
C VAL F 199 -15.51 34.36 -4.62
N THR F 200 -14.81 33.50 -3.89
CA THR F 200 -14.47 33.75 -2.49
C THR F 200 -12.96 33.89 -2.37
N HIS F 201 -12.52 34.98 -1.74
CA HIS F 201 -11.10 35.29 -1.59
C HIS F 201 -10.82 35.77 -0.18
N GLU F 202 -10.17 34.93 0.63
CA GLU F 202 -9.78 35.24 2.00
C GLU F 202 -10.94 35.82 2.82
N GLY F 203 -11.98 35.00 2.97
CA GLY F 203 -13.14 35.35 3.76
C GLY F 203 -14.13 36.28 3.10
N SER F 204 -13.72 36.99 2.05
CA SER F 204 -14.63 37.82 1.29
C SER F 204 -15.21 37.04 0.11
N THR F 205 -16.37 37.48 -0.36
CA THR F 205 -17.09 36.77 -1.42
C THR F 205 -17.67 37.76 -2.39
N VAL F 206 -17.38 37.58 -3.67
CA VAL F 206 -17.85 38.45 -4.74
C VAL F 206 -18.72 37.63 -5.68
N GLU F 207 -19.91 38.14 -5.98
CA GLU F 207 -20.90 37.43 -6.78
C GLU F 207 -21.31 38.27 -7.97
N LYS F 208 -21.38 37.63 -9.14
CA LYS F 208 -21.92 38.23 -10.35
C LYS F 208 -23.06 37.38 -10.87
N THR F 209 -24.03 38.03 -11.51
CA THR F 209 -25.25 37.36 -11.94
C THR F 209 -25.61 37.80 -13.34
N VAL F 210 -26.00 36.84 -14.16
CA VAL F 210 -26.50 37.10 -15.51
C VAL F 210 -27.84 36.40 -15.68
N ALA F 211 -28.69 36.99 -16.52
CA ALA F 211 -30.01 36.42 -16.76
C ALA F 211 -30.20 36.23 -18.26
N PRO F 212 -30.88 35.16 -18.67
CA PRO F 212 -31.09 34.95 -20.11
C PRO F 212 -31.98 36.00 -20.76
N THR F 213 -32.86 36.64 -20.00
CA THR F 213 -33.76 37.63 -20.60
C THR F 213 -33.07 38.98 -20.83
N GLU F 214 -32.15 39.35 -19.92
CA GLU F 214 -31.43 40.62 -19.99
C GLU F 214 -30.85 40.93 -21.37
#